data_3H3L
#
_entry.id   3H3L
#
_cell.length_a   117.259
_cell.length_b   117.259
_cell.length_c   118.068
_cell.angle_alpha   90.000
_cell.angle_beta   90.000
_cell.angle_gamma   90.000
#
_symmetry.space_group_name_H-M   'P 43 21 2'
#
loop_
_entity.id
_entity.type
_entity.pdbx_description
1 polymer 'PUTATIVE SUGAR HYDROLASE'
2 non-polymer 2-AMINO-2-HYDROXYMETHYL-PROPANE-1,3-DIOL
3 water water
#
_entity_poly.entity_id   1
_entity_poly.type   'polypeptide(L)'
_entity_poly.pdbx_seq_one_letter_code
;GAGTQTAQTQALDSDGIPTGGEWIT(MSE)FDGKTLNGWRGYCRQDVPLGWVVEDGSITYKGSDNKADTGFGDLIYDKKF
KNFVFEIEWKIDKAGNSGIFYTAQEIEGTPIYYSSPEYQLLDNEN(MSE)PDAWEGCDGNRQAGAVYD(MSE)I(MSE)P
DPQPVKPYGNWNKTRIVVYNQRVIHY(MSE)NDVKILEFQFGTPVWRALVDHSKFSKFSTSPEKCPEAYDL(MSE)LQCG
KQPGYIG(MSE)QDHGYGVCFRNIRIKEL
;
_entity_poly.pdbx_strand_id   A,B,C
#
# COMPACT_ATOMS: atom_id res chain seq x y z
N GLN A 10 -7.86 -22.51 50.69
CA GLN A 10 -7.59 -21.67 49.50
CA GLN A 10 -7.50 -21.65 49.54
C GLN A 10 -7.98 -20.21 49.77
N ALA A 11 -7.02 -19.29 49.76
CA ALA A 11 -7.32 -17.86 49.84
C ALA A 11 -8.01 -17.44 48.54
N LEU A 12 -9.11 -16.70 48.66
CA LEU A 12 -9.87 -16.21 47.52
C LEU A 12 -9.89 -14.70 47.54
N ASP A 13 -9.86 -14.06 46.36
CA ASP A 13 -10.07 -12.62 46.26
C ASP A 13 -11.57 -12.32 46.43
N SER A 14 -11.97 -11.05 46.32
CA SER A 14 -13.37 -10.67 46.60
CA SER A 14 -13.37 -10.69 46.61
C SER A 14 -14.34 -11.19 45.55
N ASP A 15 -13.83 -11.50 44.35
CA ASP A 15 -14.64 -12.16 43.36
C ASP A 15 -14.60 -13.69 43.50
N GLY A 16 -14.08 -14.25 44.59
CA GLY A 16 -14.09 -15.70 44.79
C GLY A 16 -13.08 -16.48 43.93
N ILE A 17 -12.03 -15.80 43.48
CA ILE A 17 -11.03 -16.35 42.58
C ILE A 17 -9.79 -16.69 43.40
N PRO A 18 -9.27 -17.94 43.29
CA PRO A 18 -8.06 -18.26 44.07
C PRO A 18 -6.89 -17.32 43.82
N THR A 19 -6.22 -16.90 44.90
CA THR A 19 -5.12 -15.92 44.86
C THR A 19 -3.73 -16.57 44.74
N GLY A 20 -3.64 -17.86 45.06
CA GLY A 20 -2.43 -18.65 44.80
C GLY A 20 -2.21 -19.00 43.33
N GLY A 21 -1.03 -19.59 43.09
CA GLY A 21 -0.57 -19.96 41.75
C GLY A 21 0.69 -19.21 41.38
N GLU A 22 1.31 -19.60 40.26
CA GLU A 22 2.53 -18.99 39.75
C GLU A 22 2.20 -18.37 38.40
N TRP A 23 2.71 -17.17 38.14
CA TRP A 23 2.55 -16.54 36.83
C TRP A 23 3.55 -17.12 35.85
N ILE A 24 3.09 -17.38 34.64
CA ILE A 24 3.93 -17.80 33.54
C ILE A 24 3.93 -16.71 32.49
N THR A 25 5.12 -16.29 32.06
CA THR A 25 5.25 -15.23 31.05
C THR A 25 4.98 -15.81 29.68
N PHE A 27 5.15 -13.79 26.78
CA PHE A 27 5.84 -13.00 25.78
C PHE A 27 7.15 -12.55 26.38
N ASP A 28 8.25 -12.89 25.71
CA ASP A 28 9.61 -12.58 26.18
C ASP A 28 10.06 -11.11 26.01
N GLY A 29 9.24 -10.26 25.38
CA GLY A 29 9.61 -8.86 25.12
C GLY A 29 10.45 -8.62 23.87
N LYS A 30 10.82 -9.68 23.15
CA LYS A 30 11.78 -9.62 22.05
C LYS A 30 11.36 -10.35 20.76
N THR A 31 10.71 -11.50 20.91
CA THR A 31 10.34 -12.38 19.80
C THR A 31 8.90 -12.84 19.98
N LEU A 32 8.41 -13.52 18.97
CA LEU A 32 7.09 -14.16 19.02
C LEU A 32 7.18 -15.65 19.38
N ASN A 33 8.27 -16.07 20.03
CA ASN A 33 8.38 -17.45 20.51
C ASN A 33 7.21 -17.75 21.45
N GLY A 34 6.57 -18.91 21.26
CA GLY A 34 5.36 -19.27 21.96
C GLY A 34 4.08 -19.01 21.18
N TRP A 35 4.16 -18.19 20.13
CA TRP A 35 2.99 -17.76 19.38
C TRP A 35 3.02 -18.33 17.98
N ARG A 36 1.82 -18.53 17.41
CA ARG A 36 1.67 -18.96 16.03
C ARG A 36 0.33 -18.53 15.50
N GLY A 37 0.13 -18.68 14.20
CA GLY A 37 -1.13 -18.31 13.61
C GLY A 37 -2.23 -19.28 13.98
N TYR A 38 -3.46 -18.78 13.96
CA TYR A 38 -4.63 -19.61 14.11
C TYR A 38 -4.69 -20.61 12.95
N CYS A 39 -4.77 -21.91 13.29
CA CYS A 39 -4.78 -23.03 12.32
C CYS A 39 -3.51 -23.17 11.47
N ARG A 40 -2.37 -22.79 12.04
CA ARG A 40 -1.11 -22.90 11.32
C ARG A 40 0.07 -22.93 12.26
N GLN A 41 1.20 -23.45 11.80
CA GLN A 41 2.40 -23.55 12.67
C GLN A 41 3.29 -22.32 12.65
N ASP A 42 3.16 -21.47 11.62
CA ASP A 42 3.99 -20.29 11.45
C ASP A 42 3.27 -19.03 11.93
N VAL A 43 4.05 -17.96 12.13
CA VAL A 43 3.50 -16.65 12.47
C VAL A 43 2.99 -16.01 11.17
N PRO A 44 1.72 -15.54 11.13
CA PRO A 44 1.24 -14.90 9.90
C PRO A 44 1.97 -13.59 9.58
N LEU A 45 2.14 -13.31 8.29
CA LEU A 45 2.72 -12.04 7.85
C LEU A 45 1.90 -10.90 8.42
N GLY A 46 2.58 -9.87 8.90
CA GLY A 46 1.95 -8.72 9.52
C GLY A 46 2.23 -8.57 11.00
N TRP A 47 2.46 -9.67 11.71
CA TRP A 47 2.79 -9.63 13.14
C TRP A 47 4.27 -9.38 13.31
N VAL A 48 4.59 -8.41 14.17
CA VAL A 48 5.97 -8.03 14.50
C VAL A 48 6.10 -7.73 15.98
N VAL A 49 7.36 -7.69 16.43
CA VAL A 49 7.71 -7.15 17.75
C VAL A 49 8.37 -5.80 17.50
N GLU A 50 7.81 -4.74 18.07
CA GLU A 50 8.28 -3.36 17.90
C GLU A 50 8.38 -2.73 19.29
N ASP A 51 9.58 -2.29 19.65
CA ASP A 51 9.82 -1.61 20.92
CA ASP A 51 9.83 -1.62 20.92
C ASP A 51 9.27 -2.41 22.11
N GLY A 52 9.51 -3.70 22.10
CA GLY A 52 9.09 -4.57 23.18
C GLY A 52 7.63 -4.90 23.25
N SER A 53 6.90 -4.68 22.15
CA SER A 53 5.48 -5.02 22.10
C SER A 53 5.12 -5.82 20.85
N ILE A 54 4.13 -6.70 20.99
CA ILE A 54 3.57 -7.41 19.87
C ILE A 54 2.57 -6.48 19.17
N THR A 55 2.66 -6.37 17.85
CA THR A 55 1.67 -5.57 17.10
C THR A 55 1.47 -6.12 15.68
N TYR A 56 0.25 -5.94 15.17
CA TYR A 56 -0.09 -6.30 13.79
C TYR A 56 0.02 -5.03 12.95
N LYS A 57 1.01 -5.02 12.08
CA LYS A 57 1.20 -3.93 11.10
C LYS A 57 0.47 -4.17 9.79
N GLY A 58 0.32 -5.43 9.40
CA GLY A 58 -0.18 -5.78 8.08
C GLY A 58 0.95 -5.83 7.08
N SER A 59 0.65 -6.39 5.92
CA SER A 59 1.66 -6.66 4.91
C SER A 59 1.31 -5.99 3.59
N ASP A 60 2.34 -5.66 2.83
CA ASP A 60 2.21 -5.33 1.40
C ASP A 60 1.82 -6.58 0.59
N ASN A 61 2.22 -7.76 1.07
CA ASN A 61 1.79 -9.04 0.49
C ASN A 61 0.31 -9.25 0.82
N LYS A 62 -0.52 -9.09 -0.22
CA LYS A 62 -1.98 -9.21 -0.10
C LYS A 62 -2.51 -10.56 -0.60
N ALA A 63 -1.62 -11.56 -0.73
CA ALA A 63 -2.01 -12.90 -1.21
C ALA A 63 -2.92 -13.60 -0.18
N ASP A 64 -3.86 -14.40 -0.68
CA ASP A 64 -4.86 -15.05 0.16
C ASP A 64 -4.28 -16.26 0.89
N THR A 65 -3.59 -15.98 2.00
CA THR A 65 -3.04 -17.01 2.87
C THR A 65 -4.19 -17.41 3.81
N GLY A 66 -3.91 -18.15 4.88
CA GLY A 66 -4.97 -18.55 5.80
C GLY A 66 -5.55 -17.42 6.62
N PHE A 67 -6.11 -17.77 7.76
CA PHE A 67 -6.49 -16.78 8.75
C PHE A 67 -5.21 -16.17 9.30
N GLY A 68 -5.29 -14.95 9.78
CA GLY A 68 -4.12 -14.24 10.26
C GLY A 68 -4.07 -13.97 11.74
N ASP A 69 -5.04 -14.45 12.52
CA ASP A 69 -5.07 -14.17 13.95
C ASP A 69 -3.90 -14.91 14.63
N LEU A 70 -3.40 -14.36 15.72
CA LEU A 70 -2.24 -14.90 16.44
C LEU A 70 -2.67 -15.49 17.77
N ILE A 71 -2.29 -16.75 18.02
CA ILE A 71 -2.61 -17.42 19.28
C ILE A 71 -1.34 -17.86 20.00
N TYR A 72 -1.45 -17.97 21.31
CA TYR A 72 -0.38 -18.52 22.13
C TYR A 72 -0.54 -20.03 22.06
N ASP A 73 0.55 -20.75 21.92
CA ASP A 73 0.54 -22.18 21.59
C ASP A 73 0.37 -23.11 22.80
N LYS A 74 -0.75 -22.94 23.50
CA LYS A 74 -1.10 -23.76 24.65
C LYS A 74 -2.56 -23.54 24.97
N LYS A 75 -3.31 -24.61 25.22
CA LYS A 75 -4.72 -24.48 25.62
C LYS A 75 -4.83 -24.27 27.13
N PHE A 76 -5.82 -23.49 27.53
CA PHE A 76 -6.12 -23.17 28.93
C PHE A 76 -7.60 -23.36 29.18
N LYS A 77 -7.97 -23.57 30.44
CA LYS A 77 -9.39 -23.74 30.82
CA LYS A 77 -9.37 -23.75 30.83
C LYS A 77 -9.73 -22.80 31.96
N ASN A 78 -9.10 -22.99 33.12
CA ASN A 78 -9.29 -22.11 34.26
C ASN A 78 -8.04 -21.31 34.48
N PHE A 79 -8.13 -19.99 34.51
CA PHE A 79 -6.93 -19.16 34.52
C PHE A 79 -7.23 -17.72 34.88
N VAL A 80 -6.17 -17.00 35.23
CA VAL A 80 -6.15 -15.55 35.31
C VAL A 80 -5.13 -15.07 34.27
N PHE A 81 -5.61 -14.35 33.27
CA PHE A 81 -4.81 -13.89 32.14
C PHE A 81 -4.67 -12.38 32.25
N GLU A 82 -3.46 -11.87 32.09
CA GLU A 82 -3.20 -10.44 32.10
C GLU A 82 -2.41 -10.00 30.89
N ILE A 83 -2.76 -8.83 30.39
CA ILE A 83 -2.10 -8.29 29.21
C ILE A 83 -2.23 -6.77 29.26
N GLU A 84 -1.21 -6.07 28.81
CA GLU A 84 -1.28 -4.63 28.74
C GLU A 84 -1.34 -4.25 27.27
N TRP A 85 -2.09 -3.20 26.95
CA TRP A 85 -2.25 -2.80 25.56
C TRP A 85 -2.33 -1.29 25.44
N LYS A 86 -1.91 -0.79 24.29
CA LYS A 86 -1.94 0.62 23.98
C LYS A 86 -2.51 0.71 22.59
N ILE A 87 -3.44 1.64 22.37
CA ILE A 87 -4.08 1.83 21.08
C ILE A 87 -3.79 3.22 20.50
N ASP A 88 -3.40 3.26 19.22
CA ASP A 88 -3.25 4.50 18.49
C ASP A 88 -4.64 5.04 18.17
N LYS A 89 -4.71 6.32 17.80
CA LYS A 89 -6.00 6.94 17.53
C LYS A 89 -6.79 6.16 16.48
N ALA A 90 -8.04 5.87 16.81
CA ALA A 90 -8.94 5.09 15.96
C ALA A 90 -8.51 3.64 15.72
N GLY A 91 -7.68 3.09 16.59
CA GLY A 91 -7.28 1.70 16.47
C GLY A 91 -8.35 0.74 16.92
N ASN A 92 -8.13 -0.53 16.62
CA ASN A 92 -9.05 -1.57 16.99
C ASN A 92 -8.30 -2.89 17.09
N SER A 93 -8.72 -3.76 18.01
CA SER A 93 -8.24 -5.13 18.05
C SER A 93 -9.22 -5.93 18.92
N GLY A 94 -8.79 -7.08 19.42
CA GLY A 94 -9.66 -7.93 20.20
C GLY A 94 -8.87 -9.08 20.72
N ILE A 95 -9.26 -9.59 21.88
CA ILE A 95 -8.61 -10.71 22.54
C ILE A 95 -9.62 -11.85 22.65
N PHE A 96 -9.23 -13.03 22.18
CA PHE A 96 -10.02 -14.23 22.30
C PHE A 96 -9.40 -15.05 23.40
N TYR A 97 -10.24 -15.79 24.12
CA TYR A 97 -9.72 -16.57 25.25
C TYR A 97 -10.30 -17.97 25.48
N THR A 98 -11.20 -18.43 24.61
CA THR A 98 -11.67 -19.81 24.66
C THR A 98 -11.64 -20.47 23.27
N ALA A 99 -10.82 -19.98 22.36
CA ALA A 99 -10.94 -20.33 20.95
C ALA A 99 -10.59 -21.79 20.68
N GLN A 100 -11.32 -22.39 19.75
CA GLN A 100 -11.03 -23.72 19.18
C GLN A 100 -10.43 -23.55 17.81
N GLU A 101 -9.43 -24.36 17.48
CA GLU A 101 -8.89 -24.34 16.12
C GLU A 101 -9.72 -25.22 15.25
N ILE A 102 -10.51 -24.59 14.38
CA ILE A 102 -11.39 -25.29 13.46
C ILE A 102 -11.03 -24.81 12.07
N GLU A 103 -10.50 -25.70 11.24
CA GLU A 103 -10.07 -25.28 9.91
C GLU A 103 -11.27 -24.75 9.12
N GLY A 104 -11.08 -23.60 8.49
CA GLY A 104 -12.10 -22.99 7.67
C GLY A 104 -13.10 -22.12 8.39
N THR A 105 -13.03 -22.08 9.72
CA THR A 105 -13.97 -21.35 10.57
C THR A 105 -13.24 -20.26 11.32
N PRO A 106 -13.75 -19.01 11.30
CA PRO A 106 -13.01 -17.98 12.04
C PRO A 106 -12.84 -18.22 13.52
N ILE A 107 -11.75 -17.69 14.08
CA ILE A 107 -11.46 -17.77 15.51
C ILE A 107 -12.60 -17.23 16.39
N TYR A 108 -13.26 -16.18 15.90
CA TYR A 108 -14.29 -15.50 16.67
C TYR A 108 -15.63 -16.25 16.67
N TYR A 109 -15.73 -17.38 15.98
CA TYR A 109 -16.93 -18.24 16.07
C TYR A 109 -16.94 -19.08 17.34
N SER A 110 -15.79 -19.25 18.00
CA SER A 110 -15.68 -20.17 19.15
C SER A 110 -15.13 -19.54 20.42
N SER A 111 -15.17 -18.20 20.53
CA SER A 111 -14.74 -17.54 21.74
C SER A 111 -15.42 -16.21 21.87
N PRO A 112 -15.77 -15.78 23.09
CA PRO A 112 -16.12 -14.39 23.27
C PRO A 112 -14.86 -13.58 22.94
N GLU A 113 -15.08 -12.38 22.48
CA GLU A 113 -14.03 -11.44 22.19
C GLU A 113 -14.05 -10.31 23.21
N TYR A 114 -12.93 -10.11 23.89
CA TYR A 114 -12.73 -8.92 24.69
C TYR A 114 -12.31 -7.83 23.72
N GLN A 115 -13.23 -6.90 23.49
CA GLN A 115 -13.05 -5.88 22.47
C GLN A 115 -11.99 -4.87 22.86
N LEU A 116 -11.18 -4.46 21.88
CA LEU A 116 -10.25 -3.33 22.07
C LEU A 116 -10.55 -2.29 21.02
N LEU A 117 -10.75 -1.05 21.45
CA LEU A 117 -11.22 -0.01 20.59
C LEU A 117 -10.84 1.33 21.18
N ASP A 118 -10.58 2.30 20.32
CA ASP A 118 -10.56 3.71 20.68
C ASP A 118 -12.03 4.14 20.67
N ASN A 119 -12.65 4.19 21.85
CA ASN A 119 -14.09 4.52 21.94
C ASN A 119 -14.45 5.88 21.36
N GLU A 120 -13.54 6.84 21.48
CA GLU A 120 -13.77 8.23 21.03
C GLU A 120 -13.79 8.41 19.50
N ASN A 121 -13.07 7.55 18.76
CA ASN A 121 -12.75 7.78 17.35
C ASN A 121 -13.04 6.65 16.34
N PRO A 123 -16.01 4.17 14.58
CA PRO A 123 -17.49 4.17 14.43
C PRO A 123 -18.17 2.88 14.88
N ASP A 124 -17.44 1.77 14.92
CA ASP A 124 -17.98 0.51 15.47
C ASP A 124 -18.26 0.61 17.00
N ALA A 125 -17.58 1.55 17.70
CA ALA A 125 -17.88 1.91 19.10
C ALA A 125 -19.36 2.18 19.40
N TRP A 126 -20.01 2.87 18.48
CA TRP A 126 -21.43 3.22 18.54
C TRP A 126 -22.34 2.38 17.63
N GLU A 127 -21.77 1.43 16.85
CA GLU A 127 -22.54 0.51 16.01
C GLU A 127 -23.03 -0.75 16.75
N GLY A 128 -22.74 -0.85 18.04
CA GLY A 128 -23.30 -1.91 18.84
C GLY A 128 -24.70 -1.54 19.29
N CYS A 129 -25.21 -2.37 20.19
CA CYS A 129 -26.40 -2.04 20.97
C CYS A 129 -25.87 -1.63 22.34
N ASP A 130 -26.01 -0.33 22.66
CA ASP A 130 -25.83 0.17 24.04
C ASP A 130 -24.43 -0.14 24.61
N GLY A 131 -23.40 0.05 23.78
CA GLY A 131 -22.02 -0.13 24.21
C GLY A 131 -21.42 -1.53 24.16
N ASN A 132 -22.15 -2.50 23.60
CA ASN A 132 -21.60 -3.84 23.50
C ASN A 132 -20.48 -4.07 22.46
N ARG A 133 -20.05 -3.02 21.77
CA ARG A 133 -18.82 -3.04 20.94
C ARG A 133 -17.74 -2.03 21.39
N GLN A 134 -17.87 -1.49 22.60
CA GLN A 134 -16.86 -0.65 23.26
C GLN A 134 -15.71 -1.47 23.82
N ALA A 135 -14.61 -0.77 24.14
CA ALA A 135 -13.46 -1.41 24.76
C ALA A 135 -13.86 -2.17 26.02
N GLY A 136 -13.47 -3.44 26.13
CA GLY A 136 -13.79 -4.27 27.28
C GLY A 136 -15.07 -5.04 27.18
N ALA A 137 -15.91 -4.75 26.19
CA ALA A 137 -17.12 -5.53 25.98
C ALA A 137 -16.79 -6.97 25.64
N VAL A 138 -17.77 -7.86 25.86
CA VAL A 138 -17.84 -9.12 25.11
C VAL A 138 -18.47 -8.71 23.81
N TYR A 139 -17.68 -8.71 22.72
CA TYR A 139 -18.12 -8.11 21.48
C TYR A 139 -19.51 -8.57 21.05
N ASP A 140 -20.38 -7.59 20.83
CA ASP A 140 -21.75 -7.78 20.39
C ASP A 140 -22.69 -8.49 21.36
N ILE A 142 -22.15 -8.14 25.55
CA ILE A 142 -22.24 -7.49 26.89
C ILE A 142 -21.38 -6.23 26.86
N PRO A 144 -19.40 -3.08 28.81
CA PRO A 144 -18.77 -2.92 30.11
C PRO A 144 -19.47 -1.84 30.92
N ASP A 145 -19.50 -2.05 32.24
CA ASP A 145 -19.98 -1.06 33.16
C ASP A 145 -19.29 -1.36 34.51
N PRO A 146 -18.41 -0.47 34.97
CA PRO A 146 -17.98 0.81 34.41
C PRO A 146 -17.12 0.69 33.15
N GLN A 147 -16.73 1.85 32.61
CA GLN A 147 -15.87 1.94 31.44
C GLN A 147 -14.60 2.69 31.84
N PRO A 148 -13.57 1.95 32.33
CA PRO A 148 -12.34 2.57 32.80
C PRO A 148 -11.21 2.71 31.79
N VAL A 149 -11.51 2.57 30.50
CA VAL A 149 -10.45 2.67 29.49
C VAL A 149 -9.81 4.05 29.50
N LYS A 150 -8.49 4.06 29.29
CA LYS A 150 -7.73 5.29 29.21
C LYS A 150 -7.84 5.87 27.78
N PRO A 151 -7.58 7.18 27.62
CA PRO A 151 -7.53 7.75 26.26
C PRO A 151 -6.46 7.06 25.41
N TYR A 152 -6.63 7.11 24.08
CA TYR A 152 -5.67 6.48 23.17
C TYR A 152 -4.26 6.97 23.45
N GLY A 153 -3.29 6.10 23.19
CA GLY A 153 -1.89 6.39 23.44
C GLY A 153 -1.38 6.13 24.86
N ASN A 154 -2.23 5.56 25.70
CA ASN A 154 -1.86 5.18 27.07
C ASN A 154 -1.95 3.68 27.23
N TRP A 155 -1.14 3.14 28.14
CA TRP A 155 -1.13 1.71 28.41
C TRP A 155 -2.27 1.34 29.36
N ASN A 156 -3.15 0.45 28.92
CA ASN A 156 -4.23 -0.13 29.69
C ASN A 156 -3.83 -1.51 30.19
N LYS A 157 -4.39 -1.93 31.32
CA LYS A 157 -4.14 -3.25 31.89
C LYS A 157 -5.45 -4.01 31.80
N THR A 158 -5.44 -5.18 31.16
CA THR A 158 -6.59 -6.05 31.07
C THR A 158 -6.33 -7.30 31.86
N ARG A 159 -7.34 -7.76 32.58
CA ARG A 159 -7.29 -9.07 33.21
CA ARG A 159 -7.30 -9.07 33.24
C ARG A 159 -8.57 -9.79 32.82
N ILE A 160 -8.44 -11.06 32.46
CA ILE A 160 -9.55 -11.92 32.11
C ILE A 160 -9.42 -13.16 32.98
N VAL A 161 -10.48 -13.47 33.73
CA VAL A 161 -10.52 -14.66 34.58
C VAL A 161 -11.58 -15.61 34.05
N VAL A 162 -11.23 -16.88 33.93
CA VAL A 162 -12.19 -17.94 33.68
C VAL A 162 -11.99 -18.96 34.79
N TYR A 163 -13.05 -19.23 35.56
CA TYR A 163 -12.95 -20.14 36.68
C TYR A 163 -14.25 -20.88 36.86
N ASN A 164 -14.22 -22.19 36.59
CA ASN A 164 -15.42 -23.04 36.67
C ASN A 164 -16.59 -22.42 35.93
N GLN A 165 -16.29 -22.03 34.69
CA GLN A 165 -17.25 -21.45 33.75
C GLN A 165 -17.68 -20.02 34.04
N ARG A 166 -17.26 -19.44 35.16
CA ARG A 166 -17.45 -18.03 35.43
CA ARG A 166 -17.46 -18.04 35.45
C ARG A 166 -16.40 -17.24 34.70
N VAL A 167 -16.80 -16.13 34.08
CA VAL A 167 -15.90 -15.28 33.34
C VAL A 167 -15.98 -13.88 33.92
N ILE A 168 -14.83 -13.27 34.17
CA ILE A 168 -14.79 -11.90 34.63
C ILE A 168 -13.83 -11.11 33.74
N HIS A 169 -14.27 -9.95 33.25
CA HIS A 169 -13.42 -8.98 32.58
C HIS A 169 -13.06 -7.86 33.54
N TYR A 170 -11.77 -7.51 33.56
CA TYR A 170 -11.31 -6.32 34.27
C TYR A 170 -10.61 -5.41 33.29
N ASN A 172 -8.00 -1.89 33.82
CA ASN A 172 -7.33 -0.96 34.71
C ASN A 172 -7.72 -1.18 36.17
N ASP A 173 -7.69 -2.45 36.53
CA ASP A 173 -7.89 -2.97 37.88
C ASP A 173 -9.30 -2.86 38.41
N VAL A 174 -10.27 -2.61 37.54
CA VAL A 174 -11.68 -2.51 37.89
C VAL A 174 -12.49 -3.55 37.11
N LYS A 175 -13.35 -4.28 37.82
CA LYS A 175 -14.24 -5.25 37.19
C LYS A 175 -15.24 -4.50 36.33
N ILE A 176 -15.41 -4.96 35.10
CA ILE A 176 -16.33 -4.31 34.14
C ILE A 176 -17.50 -5.14 33.65
N LEU A 177 -17.43 -6.46 33.78
CA LEU A 177 -18.55 -7.37 33.52
C LEU A 177 -18.19 -8.76 34.00
N GLU A 178 -19.22 -9.56 34.20
CA GLU A 178 -19.08 -10.91 34.64
C GLU A 178 -20.24 -11.71 34.10
N PHE A 179 -19.99 -12.97 33.74
CA PHE A 179 -21.03 -13.86 33.22
C PHE A 179 -20.62 -15.29 33.46
N GLN A 180 -21.48 -16.23 33.07
CA GLN A 180 -21.16 -17.63 33.23
CA GLN A 180 -21.24 -17.65 33.29
C GLN A 180 -21.55 -18.40 31.99
N PHE A 181 -20.57 -19.11 31.44
CA PHE A 181 -20.80 -20.02 30.32
C PHE A 181 -21.77 -21.14 30.72
N GLY A 182 -22.39 -21.76 29.75
CA GLY A 182 -23.15 -22.96 29.97
C GLY A 182 -24.48 -22.77 30.68
N THR A 183 -25.00 -21.54 30.65
CA THR A 183 -26.20 -21.15 31.36
C THR A 183 -27.27 -20.64 30.38
N PRO A 184 -28.51 -20.64 30.82
CA PRO A 184 -29.54 -20.02 29.98
C PRO A 184 -29.30 -18.52 29.72
N VAL A 185 -28.67 -17.83 30.65
CA VAL A 185 -28.28 -16.43 30.41
C VAL A 185 -27.31 -16.33 29.26
N TRP A 186 -26.27 -17.17 29.26
CA TRP A 186 -25.33 -17.22 28.13
C TRP A 186 -26.09 -17.46 26.82
N ARG A 187 -26.98 -18.43 26.81
CA ARG A 187 -27.75 -18.71 25.61
C ARG A 187 -28.56 -17.51 25.15
N ALA A 188 -29.22 -16.82 26.08
CA ALA A 188 -29.99 -15.62 25.74
C ALA A 188 -29.09 -14.57 25.13
N LEU A 189 -27.90 -14.38 25.70
CA LEU A 189 -26.96 -13.38 25.18
C LEU A 189 -26.51 -13.74 23.77
N VAL A 190 -26.16 -15.00 23.54
CA VAL A 190 -25.79 -15.46 22.20
C VAL A 190 -26.96 -15.28 21.24
N ASP A 191 -28.18 -15.63 21.66
CA ASP A 191 -29.38 -15.52 20.84
C ASP A 191 -29.64 -14.13 20.28
N HIS A 192 -29.21 -13.09 20.99
CA HIS A 192 -29.46 -11.72 20.54
C HIS A 192 -28.27 -11.08 19.81
N SER A 193 -27.20 -11.84 19.62
CA SER A 193 -25.97 -11.35 19.03
C SER A 193 -25.92 -11.74 17.56
N LYS A 194 -24.88 -11.24 16.90
CA LYS A 194 -24.61 -11.60 15.50
C LYS A 194 -24.32 -13.10 15.31
N PHE A 195 -24.02 -13.81 16.39
CA PHE A 195 -23.68 -15.23 16.32
C PHE A 195 -24.91 -16.11 16.36
N SER A 196 -26.08 -15.50 16.47
CA SER A 196 -27.33 -16.23 16.61
C SER A 196 -27.76 -16.80 15.29
N LYS A 197 -28.33 -18.01 15.35
CA LYS A 197 -29.13 -18.51 14.25
C LYS A 197 -30.36 -17.64 13.99
N PHE A 198 -30.80 -16.86 14.98
CA PHE A 198 -31.91 -15.90 14.85
C PHE A 198 -31.51 -14.49 14.36
N SER A 199 -30.23 -14.21 14.12
CA SER A 199 -29.77 -12.82 13.83
C SER A 199 -30.17 -12.26 12.46
N THR A 200 -30.55 -10.97 12.46
CA THR A 200 -30.76 -10.19 11.25
C THR A 200 -29.73 -9.04 11.10
N SER A 201 -28.59 -9.14 11.78
CA SER A 201 -27.49 -8.17 11.61
C SER A 201 -26.95 -8.27 10.17
N PRO A 202 -26.47 -7.14 9.60
CA PRO A 202 -25.78 -7.26 8.31
C PRO A 202 -24.38 -7.87 8.48
N GLU A 203 -23.82 -7.88 9.70
CA GLU A 203 -22.64 -8.70 10.00
C GLU A 203 -22.98 -10.05 10.66
N LYS A 204 -24.18 -10.58 10.41
CA LYS A 204 -24.58 -11.86 11.02
C LYS A 204 -23.62 -12.99 10.66
N CYS A 205 -23.37 -13.85 11.65
CA CYS A 205 -22.58 -15.07 11.51
CA CYS A 205 -22.63 -15.10 11.41
C CYS A 205 -23.35 -16.23 12.12
N PRO A 206 -24.51 -16.60 11.54
CA PRO A 206 -25.33 -17.63 12.17
C PRO A 206 -24.69 -19.01 12.26
N GLU A 207 -23.71 -19.30 11.41
CA GLU A 207 -23.00 -20.57 11.50
C GLU A 207 -22.11 -20.70 12.74
N ALA A 208 -21.89 -19.61 13.52
CA ALA A 208 -21.17 -19.66 14.79
C ALA A 208 -22.02 -20.14 15.98
N TYR A 209 -23.33 -20.25 15.80
CA TYR A 209 -24.26 -20.39 16.92
C TYR A 209 -23.94 -21.53 17.88
N ASP A 210 -23.86 -22.75 17.35
CA ASP A 210 -23.60 -23.90 18.23
C ASP A 210 -22.23 -23.90 18.87
N LEU A 211 -21.20 -23.44 18.13
CA LEU A 211 -19.89 -23.24 18.74
C LEU A 211 -19.92 -22.22 19.88
N LEU A 213 -22.40 -21.36 21.75
CA LEU A 213 -23.13 -21.92 22.89
C LEU A 213 -22.29 -22.84 23.75
N GLN A 214 -21.30 -23.49 23.14
CA GLN A 214 -20.42 -24.44 23.85
C GLN A 214 -19.13 -23.82 24.39
N CYS A 215 -18.93 -22.50 24.28
CA CYS A 215 -17.74 -21.85 24.83
C CYS A 215 -17.51 -22.24 26.28
N GLY A 216 -16.26 -22.51 26.62
CA GLY A 216 -15.88 -22.81 27.99
C GLY A 216 -16.15 -24.20 28.48
N LYS A 217 -16.69 -25.08 27.64
CA LYS A 217 -16.93 -26.46 28.01
C LYS A 217 -15.71 -27.37 27.79
N GLN A 218 -14.61 -26.81 27.27
CA GLN A 218 -13.37 -27.52 27.03
C GLN A 218 -12.27 -26.46 27.05
N PRO A 219 -11.00 -26.89 27.12
CA PRO A 219 -9.92 -25.92 27.02
C PRO A 219 -9.89 -25.22 25.66
N GLY A 220 -9.27 -24.05 25.64
CA GLY A 220 -9.22 -23.22 24.44
C GLY A 220 -8.02 -22.33 24.42
N TYR A 221 -7.86 -21.65 23.29
CA TYR A 221 -6.73 -20.79 23.06
C TYR A 221 -7.02 -19.32 23.37
N ILE A 222 -5.95 -18.64 23.75
CA ILE A 222 -5.92 -17.20 23.88
C ILE A 222 -5.18 -16.64 22.65
N GLY A 223 -5.73 -15.58 22.08
CA GLY A 223 -5.11 -14.96 20.94
C GLY A 223 -5.64 -13.59 20.65
N GLN A 225 -6.67 -10.59 17.48
CA GLN A 225 -7.28 -10.38 16.19
C GLN A 225 -6.28 -9.90 15.10
N ASP A 226 -6.43 -10.49 13.92
N ASP A 226 -6.27 -10.48 13.89
CA ASP A 226 -5.91 -10.02 12.66
CA ASP A 226 -5.57 -9.81 12.79
C ASP A 226 -6.46 -8.62 12.32
C ASP A 226 -6.40 -8.63 12.31
N HIS A 227 -5.75 -7.81 11.52
CA HIS A 227 -6.22 -6.48 11.15
C HIS A 227 -6.53 -5.59 12.35
N GLY A 228 -5.78 -5.81 13.42
CA GLY A 228 -5.97 -5.07 14.63
C GLY A 228 -5.04 -3.89 14.57
N TYR A 229 -5.38 -2.92 13.73
CA TYR A 229 -4.47 -1.82 13.45
C TYR A 229 -4.32 -0.85 14.63
N GLY A 230 -3.07 -0.48 14.90
CA GLY A 230 -2.79 0.53 15.89
C GLY A 230 -2.76 0.05 17.31
N VAL A 231 -2.71 -1.26 17.54
CA VAL A 231 -2.71 -1.82 18.91
C VAL A 231 -1.41 -2.59 19.23
N CYS A 232 -0.76 -2.25 20.35
CA CYS A 232 0.47 -2.89 20.82
C CYS A 232 0.22 -3.60 22.13
N PHE A 233 0.84 -4.76 22.30
CA PHE A 233 0.63 -5.61 23.48
C PHE A 233 1.93 -5.91 24.22
N ARG A 234 1.91 -5.85 25.54
CA ARG A 234 3.10 -6.17 26.36
C ARG A 234 2.68 -6.77 27.68
N ASN A 235 3.66 -7.24 28.45
CA ASN A 235 3.43 -7.75 29.81
C ASN A 235 2.30 -8.78 29.84
N ILE A 236 2.54 -9.83 29.08
CA ILE A 236 1.51 -10.84 28.82
C ILE A 236 1.83 -12.04 29.70
N ARG A 237 0.92 -12.40 30.60
CA ARG A 237 1.16 -13.49 31.54
C ARG A 237 -0.13 -14.19 31.96
N ILE A 238 0.02 -15.40 32.46
CA ILE A 238 -1.13 -16.20 32.85
C ILE A 238 -0.81 -17.04 34.08
N LYS A 239 -1.81 -17.20 34.92
CA LYS A 239 -1.75 -18.06 36.10
C LYS A 239 -2.87 -19.10 35.94
N GLU A 240 -2.51 -20.38 35.84
CA GLU A 240 -3.52 -21.42 35.73
C GLU A 240 -4.15 -21.68 37.11
N LEU A 241 -5.46 -21.88 37.11
CA LEU A 241 -6.26 -22.10 38.31
C LEU A 241 -6.73 -23.53 38.36
N GLN B 8 -1.03 12.56 19.20
CA GLN B 8 -0.19 11.33 19.16
C GLN B 8 -0.46 10.60 17.84
N THR B 9 0.03 9.36 17.70
CA THR B 9 0.04 8.68 16.41
C THR B 9 -1.35 8.08 16.10
N GLN B 10 -1.62 7.96 14.81
CA GLN B 10 -2.89 7.44 14.27
C GLN B 10 -2.73 6.00 13.83
N ALA B 11 -3.77 5.19 14.04
CA ALA B 11 -3.83 3.83 13.53
C ALA B 11 -3.85 3.87 12.01
N LEU B 12 -3.04 3.04 11.38
CA LEU B 12 -2.94 2.97 9.92
C LEU B 12 -3.29 1.59 9.45
N ASP B 13 -3.97 1.50 8.31
CA ASP B 13 -4.30 0.20 7.72
C ASP B 13 -3.07 -0.44 7.04
N SER B 14 -3.26 -1.58 6.36
CA SER B 14 -2.14 -2.31 5.74
CA SER B 14 -2.13 -2.30 5.74
C SER B 14 -1.49 -1.54 4.59
N ASP B 15 -2.19 -0.56 4.01
CA ASP B 15 -1.61 0.31 3.01
C ASP B 15 -1.12 1.63 3.60
N GLY B 16 -1.08 1.77 4.93
CA GLY B 16 -0.56 2.98 5.54
C GLY B 16 -1.48 4.18 5.58
N ILE B 17 -2.78 3.95 5.41
CA ILE B 17 -3.76 5.01 5.39
C ILE B 17 -4.46 5.04 6.75
N PRO B 18 -4.63 6.25 7.34
CA PRO B 18 -5.35 6.32 8.63
C PRO B 18 -6.72 5.68 8.61
N THR B 19 -7.02 4.93 9.66
CA THR B 19 -8.29 4.22 9.81
C THR B 19 -9.38 5.12 10.39
N GLY B 20 -9.01 6.23 11.03
CA GLY B 20 -9.97 7.15 11.65
C GLY B 20 -10.56 8.15 10.67
N GLY B 21 -11.43 9.01 11.19
CA GLY B 21 -12.12 10.03 10.39
C GLY B 21 -13.61 9.81 10.44
N GLU B 22 -14.34 10.83 9.99
CA GLU B 22 -15.80 10.81 9.96
C GLU B 22 -16.23 10.77 8.51
N TRP B 23 -17.08 9.79 8.16
CA TRP B 23 -17.66 9.74 6.81
C TRP B 23 -18.72 10.81 6.67
N ILE B 24 -18.62 11.56 5.56
CA ILE B 24 -19.68 12.47 5.18
CA ILE B 24 -19.57 12.58 5.08
C ILE B 24 -20.32 11.91 3.92
N THR B 25 -21.64 11.82 3.97
CA THR B 25 -22.40 11.31 2.85
C THR B 25 -22.49 12.43 1.82
N PHE B 27 -24.13 11.93 -1.26
CA PHE B 27 -25.32 11.76 -2.08
C PHE B 27 -26.41 11.17 -1.19
N ASP B 28 -27.55 11.86 -1.15
CA ASP B 28 -28.66 11.49 -0.25
C ASP B 28 -29.60 10.38 -0.79
N GLY B 29 -29.31 9.83 -1.96
CA GLY B 29 -30.14 8.77 -2.57
C GLY B 29 -31.34 9.25 -3.33
N LYS B 30 -31.61 10.55 -3.30
CA LYS B 30 -32.86 11.12 -3.82
C LYS B 30 -32.69 12.36 -4.72
N THR B 31 -31.78 13.27 -4.35
CA THR B 31 -31.54 14.52 -5.06
C THR B 31 -30.05 14.68 -5.38
N LEU B 32 -29.76 15.75 -6.11
CA LEU B 32 -28.39 16.17 -6.35
C LEU B 32 -27.93 17.30 -5.41
N ASN B 33 -28.56 17.41 -4.23
CA ASN B 33 -28.10 18.36 -3.21
C ASN B 33 -26.63 18.12 -2.89
N GLY B 34 -25.86 19.21 -2.87
CA GLY B 34 -24.43 19.16 -2.69
C GLY B 34 -23.62 19.17 -3.99
N TRP B 35 -24.28 19.00 -5.14
CA TRP B 35 -23.60 18.89 -6.45
C TRP B 35 -23.98 20.04 -7.36
N ARG B 36 -23.09 20.34 -8.30
CA ARG B 36 -23.38 21.35 -9.30
C ARG B 36 -22.55 21.10 -10.53
N GLY B 37 -22.88 21.79 -11.61
CA GLY B 37 -22.12 21.65 -12.84
C GLY B 37 -20.75 22.30 -12.70
N TYR B 38 -19.77 21.71 -13.38
CA TYR B 38 -18.44 22.29 -13.50
C TYR B 38 -18.58 23.69 -14.11
N CYS B 39 -18.04 24.69 -13.41
CA CYS B 39 -18.12 26.10 -13.79
C CYS B 39 -19.56 26.65 -13.94
N ARG B 40 -20.49 26.11 -13.13
CA ARG B 40 -21.81 26.73 -13.05
CA ARG B 40 -21.88 26.56 -13.10
C ARG B 40 -22.35 26.56 -11.66
N GLN B 41 -23.39 27.34 -11.34
CA GLN B 41 -23.95 27.34 -10.00
C GLN B 41 -25.08 26.32 -9.85
N ASP B 42 -25.62 25.87 -10.98
CA ASP B 42 -26.77 24.98 -11.01
C ASP B 42 -26.41 23.62 -11.62
N VAL B 43 -27.40 22.74 -11.79
CA VAL B 43 -27.15 21.39 -12.27
C VAL B 43 -27.49 21.31 -13.75
N PRO B 44 -26.59 20.73 -14.60
CA PRO B 44 -26.95 20.56 -16.00
C PRO B 44 -28.12 19.61 -16.21
N LEU B 45 -28.88 19.86 -17.27
CA LEU B 45 -30.08 19.10 -17.57
C LEU B 45 -29.87 17.60 -17.68
N GLY B 46 -28.72 17.21 -18.20
CA GLY B 46 -28.41 15.80 -18.38
C GLY B 46 -28.21 14.96 -17.15
N TRP B 47 -27.97 15.58 -15.99
CA TRP B 47 -27.69 14.84 -14.75
C TRP B 47 -28.97 14.71 -13.95
N VAL B 48 -29.33 13.49 -13.56
CA VAL B 48 -30.55 13.23 -12.82
C VAL B 48 -30.28 12.17 -11.76
N VAL B 49 -31.16 12.11 -10.77
CA VAL B 49 -31.27 10.94 -9.91
C VAL B 49 -32.41 10.08 -10.48
N GLU B 50 -32.08 8.82 -10.79
CA GLU B 50 -33.05 7.83 -11.26
C GLU B 50 -32.81 6.53 -10.50
N ASP B 51 -33.88 5.99 -9.90
CA ASP B 51 -33.83 4.73 -9.14
C ASP B 51 -32.72 4.69 -8.08
N GLY B 52 -32.56 5.78 -7.34
CA GLY B 52 -31.58 5.85 -6.26
C GLY B 52 -30.13 6.03 -6.67
N SER B 53 -29.88 6.38 -7.94
CA SER B 53 -28.52 6.60 -8.43
C SER B 53 -28.40 7.89 -9.22
N ILE B 54 -27.23 8.51 -9.16
CA ILE B 54 -26.91 9.66 -10.02
C ILE B 54 -26.52 9.11 -11.38
N THR B 55 -27.10 9.66 -12.44
CA THR B 55 -26.72 9.27 -13.81
C THR B 55 -26.83 10.42 -14.80
N TYR B 56 -25.98 10.39 -15.84
CA TYR B 56 -26.07 11.29 -16.97
C TYR B 56 -27.00 10.65 -18.01
N LYS B 57 -28.22 11.15 -18.08
CA LYS B 57 -29.22 10.77 -19.09
C LYS B 57 -29.13 11.58 -20.38
N GLY B 58 -28.60 12.81 -20.28
CA GLY B 58 -28.58 13.74 -21.40
C GLY B 58 -29.89 14.50 -21.46
N SER B 59 -29.95 15.51 -22.32
CA SER B 59 -31.16 16.31 -22.52
C SER B 59 -31.42 16.52 -24.00
N ASP B 60 -32.70 16.69 -24.34
CA ASP B 60 -33.13 17.01 -25.70
C ASP B 60 -33.06 18.52 -26.03
N ASN B 61 -32.63 19.36 -25.08
CA ASN B 61 -32.44 20.80 -25.33
C ASN B 61 -31.21 21.06 -26.19
N PHE B 67 -19.45 23.38 -20.64
CA PHE B 67 -19.10 22.11 -20.01
C PHE B 67 -20.21 21.63 -19.09
N GLY B 68 -20.33 20.30 -18.99
CA GLY B 68 -21.46 19.65 -18.34
C GLY B 68 -21.11 18.61 -17.30
N ASP B 69 -19.86 18.53 -16.85
CA ASP B 69 -19.45 17.55 -15.85
C ASP B 69 -20.06 17.97 -14.51
N LEU B 70 -20.26 17.02 -13.61
CA LEU B 70 -20.93 17.28 -12.33
C LEU B 70 -19.89 17.16 -11.23
N ILE B 71 -19.78 18.19 -10.40
CA ILE B 71 -18.84 18.18 -9.26
C ILE B 71 -19.58 18.28 -7.92
N TYR B 72 -18.98 17.72 -6.89
CA TYR B 72 -19.48 17.92 -5.55
C TYR B 72 -18.93 19.27 -5.09
N ASP B 73 -19.77 20.08 -4.47
CA ASP B 73 -19.45 21.49 -4.20
C ASP B 73 -18.64 21.72 -2.91
N LYS B 74 -17.45 21.13 -2.87
CA LYS B 74 -16.51 21.30 -1.78
C LYS B 74 -15.16 20.78 -2.25
N LYS B 75 -14.12 21.55 -1.99
CA LYS B 75 -12.76 21.11 -2.34
CA LYS B 75 -12.76 21.14 -2.32
C LYS B 75 -12.21 20.21 -1.23
N PHE B 76 -11.42 19.24 -1.65
CA PHE B 76 -10.77 18.27 -0.78
C PHE B 76 -9.29 18.18 -1.13
N LYS B 77 -8.47 17.71 -0.19
CA LYS B 77 -7.05 17.50 -0.48
CA LYS B 77 -7.02 17.56 -0.41
C LYS B 77 -6.59 16.14 -0.01
N ASN B 78 -6.68 15.86 1.28
CA ASN B 78 -6.38 14.54 1.82
C ASN B 78 -7.68 13.84 2.21
N PHE B 79 -7.95 12.68 1.63
CA PHE B 79 -9.25 12.05 1.80
C PHE B 79 -9.27 10.59 1.42
N VAL B 80 -10.30 9.91 1.89
CA VAL B 80 -10.69 8.60 1.40
C VAL B 80 -12.08 8.74 0.81
N PHE B 81 -12.21 8.53 -0.50
CA PHE B 81 -13.46 8.71 -1.25
C PHE B 81 -13.97 7.34 -1.69
N GLU B 82 -15.26 7.06 -1.49
CA GLU B 82 -15.85 5.81 -1.92
C GLU B 82 -17.07 6.07 -2.79
N ILE B 83 -17.24 5.25 -3.82
CA ILE B 83 -18.36 5.39 -4.75
C ILE B 83 -18.63 4.04 -5.40
N GLU B 84 -19.90 3.72 -5.64
CA GLU B 84 -20.28 2.52 -6.35
C GLU B 84 -20.80 2.94 -7.71
N TRP B 85 -20.46 2.17 -8.74
CA TRP B 85 -20.86 2.49 -10.11
C TRP B 85 -21.21 1.25 -10.91
N LYS B 86 -22.06 1.46 -11.91
CA LYS B 86 -22.56 0.40 -12.78
C LYS B 86 -22.57 0.99 -14.19
N ILE B 87 -22.08 0.22 -15.16
CA ILE B 87 -21.96 0.65 -16.54
C ILE B 87 -22.83 -0.25 -17.42
N ASP B 88 -23.40 0.32 -18.47
CA ASP B 88 -24.14 -0.44 -19.48
CA ASP B 88 -24.13 -0.44 -19.49
C ASP B 88 -23.14 -0.86 -20.58
N LYS B 89 -23.58 -1.74 -21.47
CA LYS B 89 -22.75 -2.22 -22.58
C LYS B 89 -22.16 -1.07 -23.40
N ALA B 90 -20.86 -1.16 -23.68
CA ALA B 90 -20.08 -0.15 -24.41
C ALA B 90 -20.03 1.24 -23.76
N GLY B 91 -20.38 1.34 -22.47
CA GLY B 91 -20.41 2.62 -21.76
C GLY B 91 -19.04 3.16 -21.39
N ASN B 92 -19.01 4.46 -21.13
CA ASN B 92 -17.84 5.09 -20.61
C ASN B 92 -18.19 6.28 -19.74
N SER B 93 -17.39 6.50 -18.70
CA SER B 93 -17.52 7.66 -17.83
C SER B 93 -16.16 7.79 -17.14
N GLY B 94 -16.13 8.49 -16.03
CA GLY B 94 -14.87 8.75 -15.34
C GLY B 94 -15.09 9.59 -14.12
N ILE B 95 -14.19 9.45 -13.17
CA ILE B 95 -14.24 10.19 -11.91
C ILE B 95 -13.00 11.05 -11.81
N PHE B 96 -13.18 12.34 -11.54
CA PHE B 96 -12.08 13.27 -11.32
C PHE B 96 -12.02 13.51 -9.83
N TYR B 97 -10.83 13.77 -9.32
CA TYR B 97 -10.66 13.94 -7.89
C TYR B 97 -9.67 14.99 -7.41
N THR B 98 -9.06 15.75 -8.32
CA THR B 98 -8.25 16.92 -7.93
C THR B 98 -8.57 18.14 -8.80
N ALA B 99 -9.78 18.19 -9.39
CA ALA B 99 -10.03 19.15 -10.44
C ALA B 99 -10.08 20.59 -9.98
N GLN B 100 -9.54 21.49 -10.81
CA GLN B 100 -9.66 22.93 -10.60
C GLN B 100 -10.74 23.47 -11.51
N GLU B 101 -11.52 24.42 -11.04
CA GLU B 101 -12.49 25.10 -11.87
C GLU B 101 -11.84 26.25 -12.60
N ILE B 102 -11.66 26.06 -13.91
CA ILE B 102 -11.05 27.06 -14.76
C ILE B 102 -11.96 27.30 -15.94
N GLU B 103 -12.52 28.50 -16.04
CA GLU B 103 -13.48 28.84 -17.08
C GLU B 103 -12.83 28.64 -18.46
N GLY B 104 -13.51 27.89 -19.31
CA GLY B 104 -13.04 27.63 -20.67
C GLY B 104 -12.04 26.50 -20.81
N THR B 105 -11.66 25.86 -19.70
CA THR B 105 -10.69 24.77 -19.67
C THR B 105 -11.40 23.51 -19.17
N PRO B 106 -11.26 22.38 -19.91
CA PRO B 106 -11.96 21.17 -19.48
C PRO B 106 -11.57 20.69 -18.10
N ILE B 107 -12.49 20.03 -17.40
CA ILE B 107 -12.22 19.47 -16.09
C ILE B 107 -11.03 18.51 -16.09
N TYR B 108 -10.86 17.78 -17.18
CA TYR B 108 -9.87 16.70 -17.26
C TYR B 108 -8.47 17.23 -17.55
N TYR B 109 -8.31 18.54 -17.72
CA TYR B 109 -6.98 19.13 -17.78
C TYR B 109 -6.30 19.23 -16.42
N SER B 110 -7.05 19.15 -15.32
CA SER B 110 -6.48 19.46 -14.00
C SER B 110 -6.69 18.35 -12.99
N SER B 111 -6.99 17.14 -13.45
CA SER B 111 -7.11 16.02 -12.56
C SER B 111 -6.81 14.73 -13.30
N PRO B 112 -6.20 13.77 -12.61
CA PRO B 112 -6.24 12.40 -13.15
C PRO B 112 -7.70 11.97 -13.22
N GLU B 113 -7.99 11.10 -14.17
CA GLU B 113 -9.31 10.54 -14.33
C GLU B 113 -9.25 9.07 -13.98
N TYR B 114 -10.08 8.67 -13.02
CA TYR B 114 -10.31 7.26 -12.72
C TYR B 114 -11.28 6.80 -13.79
N GLN B 115 -10.76 6.10 -14.80
CA GLN B 115 -11.54 5.70 -15.96
C GLN B 115 -12.64 4.72 -15.60
N LEU B 116 -13.82 4.89 -16.21
CA LEU B 116 -14.90 3.91 -16.10
C LEU B 116 -15.24 3.47 -17.51
N LEU B 117 -15.24 2.17 -17.75
CA LEU B 117 -15.35 1.64 -19.12
C LEU B 117 -15.91 0.24 -19.05
N ASP B 118 -16.76 -0.11 -20.02
CA ASP B 118 -17.04 -1.50 -20.32
C ASP B 118 -15.83 -2.00 -21.11
N ASN B 119 -14.93 -2.71 -20.42
CA ASN B 119 -13.70 -3.23 -21.02
C ASN B 119 -13.89 -4.20 -22.17
N GLU B 120 -15.02 -4.91 -22.18
CA GLU B 120 -15.31 -5.93 -23.18
C GLU B 120 -15.87 -5.39 -24.51
N ASN B 121 -16.47 -4.19 -24.51
CA ASN B 121 -17.13 -3.62 -25.71
C ASN B 121 -16.89 -2.14 -26.05
N PRO B 123 -14.56 0.63 -27.37
CA PRO B 123 -13.30 0.58 -28.15
C PRO B 123 -12.08 1.30 -27.55
N ASP B 124 -12.29 2.31 -26.71
CA ASP B 124 -11.18 2.97 -26.00
C ASP B 124 -10.35 1.99 -25.15
N ALA B 125 -10.94 0.86 -24.72
CA ALA B 125 -10.21 -0.31 -24.16
C ALA B 125 -8.96 -0.68 -24.95
N TRP B 126 -9.13 -0.79 -26.27
CA TRP B 126 -8.03 -1.14 -27.18
C TRP B 126 -7.16 0.04 -27.64
N GLU B 127 -7.69 1.28 -27.60
CA GLU B 127 -7.03 2.46 -28.22
C GLU B 127 -5.97 3.15 -27.36
N GLY B 128 -5.93 2.86 -26.06
CA GLY B 128 -4.84 3.29 -25.22
C GLY B 128 -3.61 2.44 -25.48
N CYS B 129 -2.71 2.47 -24.51
CA CYS B 129 -1.51 1.65 -24.51
C CYS B 129 -1.62 0.68 -23.33
N ASP B 130 -1.76 -0.61 -23.64
CA ASP B 130 -1.59 -1.68 -22.64
C ASP B 130 -2.50 -1.55 -21.41
N GLY B 131 -3.76 -1.18 -21.66
CA GLY B 131 -4.77 -1.08 -20.64
C GLY B 131 -4.90 0.24 -19.91
N ASN B 132 -4.15 1.27 -20.33
CA ASN B 132 -4.23 2.55 -19.65
C ASN B 132 -5.51 3.38 -19.89
N ARG B 133 -6.46 2.84 -20.64
CA ARG B 133 -7.78 3.42 -20.76
C ARG B 133 -8.87 2.45 -20.37
N GLN B 134 -8.52 1.38 -19.62
CA GLN B 134 -9.47 0.40 -19.06
CA GLN B 134 -9.54 0.44 -19.11
C GLN B 134 -10.05 0.94 -17.77
N ALA B 135 -11.12 0.32 -17.30
CA ALA B 135 -11.76 0.69 -16.04
C ALA B 135 -10.77 0.65 -14.89
N GLY B 136 -10.70 1.72 -14.12
CA GLY B 136 -9.80 1.81 -12.97
C GLY B 136 -8.47 2.45 -13.27
N ALA B 137 -8.17 2.66 -14.56
CA ALA B 137 -6.93 3.30 -14.96
C ALA B 137 -6.90 4.74 -14.50
N VAL B 138 -5.70 5.32 -14.40
CA VAL B 138 -5.57 6.75 -14.53
C VAL B 138 -5.54 6.97 -16.04
N TYR B 139 -6.60 7.58 -16.58
CA TYR B 139 -6.81 7.58 -18.02
C TYR B 139 -5.58 8.08 -18.78
N ASP B 140 -5.14 7.26 -19.75
CA ASP B 140 -3.98 7.51 -20.61
C ASP B 140 -2.65 7.53 -19.91
N ILE B 142 -1.86 5.20 -16.47
CA ILE B 142 -1.52 4.02 -15.67
C ILE B 142 -2.65 3.02 -15.80
N PRO B 144 -4.68 -0.42 -14.60
CA PRO B 144 -4.91 -1.17 -13.37
C PRO B 144 -4.25 -2.55 -13.42
N ASP B 145 -3.62 -2.96 -12.32
CA ASP B 145 -3.12 -4.32 -12.15
C ASP B 145 -3.10 -4.61 -10.66
N PRO B 146 -3.97 -5.53 -10.18
CA PRO B 146 -4.93 -6.36 -10.91
C PRO B 146 -6.06 -5.57 -11.54
N GLN B 147 -6.83 -6.28 -12.37
CA GLN B 147 -8.04 -5.79 -13.01
C GLN B 147 -9.24 -6.57 -12.46
N PRO B 148 -9.85 -6.07 -11.37
CA PRO B 148 -10.96 -6.75 -10.71
C PRO B 148 -12.34 -6.27 -11.15
N VAL B 149 -12.43 -5.54 -12.27
CA VAL B 149 -13.74 -5.04 -12.74
C VAL B 149 -14.70 -6.17 -13.03
N LYS B 150 -15.97 -5.96 -12.66
CA LYS B 150 -17.00 -6.95 -12.92
C LYS B 150 -17.57 -6.66 -14.32
N PRO B 151 -18.25 -7.64 -14.94
CA PRO B 151 -18.90 -7.38 -16.24
C PRO B 151 -19.89 -6.21 -16.18
N TYR B 152 -20.16 -5.61 -17.33
CA TYR B 152 -21.14 -4.52 -17.40
C TYR B 152 -22.49 -4.98 -16.80
N GLY B 153 -23.18 -4.05 -16.16
CA GLY B 153 -24.42 -4.32 -15.43
C GLY B 153 -24.25 -4.85 -14.01
N ASN B 154 -23.01 -4.97 -13.56
CA ASN B 154 -22.70 -5.28 -12.18
C ASN B 154 -22.28 -4.00 -11.50
N TRP B 155 -22.61 -3.88 -10.22
CA TRP B 155 -22.12 -2.78 -9.39
C TRP B 155 -20.68 -3.03 -8.95
N ASN B 156 -19.80 -2.08 -9.24
CA ASN B 156 -18.42 -2.13 -8.78
C ASN B 156 -18.25 -1.14 -7.65
N LYS B 157 -17.38 -1.43 -6.68
CA LYS B 157 -17.10 -0.51 -5.57
C LYS B 157 -15.72 0.11 -5.79
N THR B 158 -15.65 1.41 -5.77
CA THR B 158 -14.41 2.13 -5.99
C THR B 158 -14.04 2.89 -4.71
N ARG B 159 -12.75 2.88 -4.39
CA ARG B 159 -12.20 3.75 -3.36
CA ARG B 159 -12.19 3.73 -3.36
C ARG B 159 -11.00 4.46 -3.98
N ILE B 160 -10.92 5.76 -3.74
CA ILE B 160 -9.79 6.59 -4.14
C ILE B 160 -9.27 7.28 -2.88
N VAL B 161 -7.97 7.12 -2.62
CA VAL B 161 -7.31 7.74 -1.48
C VAL B 161 -6.28 8.72 -1.97
N VAL B 162 -6.27 9.92 -1.41
CA VAL B 162 -5.18 10.88 -1.62
C VAL B 162 -4.70 11.27 -0.24
N TYR B 163 -3.42 11.02 0.04
CA TYR B 163 -2.88 11.23 1.38
C TYR B 163 -1.44 11.70 1.26
N ASN B 164 -1.19 12.97 1.57
CA ASN B 164 0.14 13.57 1.48
C ASN B 164 0.76 13.29 0.12
N GLN B 165 -0.06 13.56 -0.89
CA GLN B 165 0.29 13.41 -2.32
C GLN B 165 0.41 11.97 -2.85
N ARG B 166 0.24 10.97 -1.99
CA ARG B 166 0.15 9.60 -2.40
C ARG B 166 -1.27 9.34 -2.86
N VAL B 167 -1.45 8.66 -3.98
CA VAL B 167 -2.76 8.32 -4.52
C VAL B 167 -2.87 6.81 -4.66
N ILE B 168 -3.98 6.24 -4.22
CA ILE B 168 -4.25 4.81 -4.37
C ILE B 168 -5.63 4.67 -4.99
N HIS B 169 -5.72 3.89 -6.06
CA HIS B 169 -7.01 3.47 -6.61
C HIS B 169 -7.30 2.07 -6.12
N TYR B 170 -8.54 1.85 -5.67
CA TYR B 170 -9.03 0.51 -5.36
C TYR B 170 -10.26 0.25 -6.20
N ASN B 172 -13.35 -3.01 -6.03
CA ASN B 172 -13.84 -4.28 -5.57
C ASN B 172 -12.91 -4.89 -4.51
N ASP B 173 -12.56 -4.05 -3.54
CA ASP B 173 -11.70 -4.39 -2.39
C ASP B 173 -10.25 -4.80 -2.72
N VAL B 174 -9.76 -4.38 -3.87
CA VAL B 174 -8.41 -4.69 -4.32
C VAL B 174 -7.71 -3.41 -4.74
N LYS B 175 -6.47 -3.20 -4.28
CA LYS B 175 -5.66 -2.09 -4.71
C LYS B 175 -5.24 -2.36 -6.15
N ILE B 176 -5.50 -1.42 -7.05
CA ILE B 176 -5.21 -1.61 -8.48
C ILE B 176 -4.08 -0.76 -9.07
N LEU B 177 -3.72 0.33 -8.40
CA LEU B 177 -2.55 1.13 -8.74
C LEU B 177 -2.32 2.16 -7.63
N GLU B 178 -1.11 2.68 -7.61
CA GLU B 178 -0.70 3.64 -6.61
C GLU B 178 0.39 4.50 -7.23
N PHE B 179 0.39 5.78 -6.91
CA PHE B 179 1.40 6.71 -7.42
C PHE B 179 1.50 7.92 -6.51
N GLN B 180 2.40 8.85 -6.82
CA GLN B 180 2.68 9.98 -5.96
C GLN B 180 2.70 11.21 -6.85
N PHE B 181 1.85 12.18 -6.55
CA PHE B 181 1.92 13.50 -7.18
C PHE B 181 3.23 14.19 -6.87
N GLY B 182 3.61 15.15 -7.71
CA GLY B 182 4.72 16.02 -7.42
C GLY B 182 6.08 15.36 -7.51
N THR B 183 6.18 14.25 -8.23
CA THR B 183 7.39 13.46 -8.34
C THR B 183 7.81 13.35 -9.81
N PRO B 184 9.07 13.03 -10.04
CA PRO B 184 9.47 12.77 -11.44
C PRO B 184 8.74 11.60 -12.08
N VAL B 185 8.32 10.60 -11.31
CA VAL B 185 7.52 9.52 -11.88
C VAL B 185 6.19 10.08 -12.42
N TRP B 186 5.54 10.95 -11.67
CA TRP B 186 4.32 11.60 -12.18
C TRP B 186 4.62 12.38 -13.44
N ARG B 187 5.69 13.16 -13.44
CA ARG B 187 6.06 13.90 -14.66
C ARG B 187 6.31 12.99 -15.86
N ALA B 188 6.98 11.86 -15.65
CA ALA B 188 7.25 10.94 -16.74
C ALA B 188 5.94 10.39 -17.29
N LEU B 189 5.00 10.05 -16.43
CA LEU B 189 3.70 9.50 -16.84
C LEU B 189 2.91 10.53 -17.62
N VAL B 190 2.91 11.76 -17.13
CA VAL B 190 2.25 12.85 -17.87
C VAL B 190 2.91 13.08 -19.23
N ASP B 191 4.24 13.02 -19.28
CA ASP B 191 5.02 13.24 -20.50
C ASP B 191 4.66 12.30 -21.63
N HIS B 192 4.27 11.08 -21.30
CA HIS B 192 3.91 10.09 -22.29
C HIS B 192 2.43 10.02 -22.60
N SER B 193 1.64 10.87 -21.96
CA SER B 193 0.19 10.89 -22.13
C SER B 193 -0.22 11.92 -23.17
N LYS B 194 -1.52 11.89 -23.49
CA LYS B 194 -2.16 12.93 -24.30
C LYS B 194 -2.03 14.35 -23.75
N PHE B 195 -1.74 14.49 -22.45
CA PHE B 195 -1.65 15.79 -21.79
C PHE B 195 -0.27 16.42 -21.92
N SER B 196 0.64 15.74 -22.58
CA SER B 196 1.99 16.20 -22.73
C SER B 196 2.17 17.29 -23.76
N LYS B 197 3.06 18.23 -23.46
CA LYS B 197 3.58 19.15 -24.48
CA LYS B 197 3.59 19.15 -24.47
C LYS B 197 4.35 18.40 -25.59
N PHE B 198 4.80 17.17 -25.30
CA PHE B 198 5.50 16.31 -26.28
C PHE B 198 4.54 15.38 -27.09
N SER B 199 3.22 15.40 -26.83
CA SER B 199 2.31 14.43 -27.45
C SER B 199 2.08 14.66 -28.94
N THR B 200 2.25 13.59 -29.71
CA THR B 200 1.91 13.55 -31.15
C THR B 200 0.63 12.74 -31.42
N SER B 201 -0.18 12.49 -30.39
CA SER B 201 -1.47 11.83 -30.51
C SER B 201 -2.44 12.73 -31.28
N PRO B 202 -3.39 12.16 -32.06
CA PRO B 202 -4.48 12.99 -32.60
C PRO B 202 -5.51 13.42 -31.55
N GLU B 203 -5.48 12.80 -30.35
CA GLU B 203 -6.29 13.13 -29.18
CA GLU B 203 -6.32 13.20 -29.24
C GLU B 203 -5.54 14.08 -28.25
N LYS B 204 -4.38 14.60 -28.69
CA LYS B 204 -3.51 15.42 -27.83
C LYS B 204 -4.22 16.63 -27.23
N CYS B 205 -3.89 16.89 -25.96
CA CYS B 205 -4.31 18.05 -25.21
CA CYS B 205 -4.30 18.14 -25.31
C CYS B 205 -3.09 18.70 -24.58
N PRO B 206 -2.13 19.21 -25.38
CA PRO B 206 -0.90 19.73 -24.81
C PRO B 206 -1.08 20.96 -23.93
N GLU B 207 -2.18 21.69 -24.06
CA GLU B 207 -2.43 22.85 -23.19
C GLU B 207 -2.69 22.46 -21.74
N ALA B 208 -2.94 21.17 -21.50
CA ALA B 208 -3.12 20.62 -20.14
C ALA B 208 -1.83 20.38 -19.36
N TYR B 209 -0.68 20.47 -20.01
CA TYR B 209 0.55 19.91 -19.45
C TYR B 209 0.89 20.46 -18.09
N ASP B 210 0.93 21.78 -17.98
CA ASP B 210 1.37 22.39 -16.71
C ASP B 210 0.37 22.23 -15.61
N LEU B 211 -0.92 22.28 -15.93
CA LEU B 211 -1.95 21.96 -14.95
C LEU B 211 -1.83 20.53 -14.47
N LEU B 213 0.80 18.63 -14.40
CA LEU B 213 1.99 18.48 -13.55
C LEU B 213 1.76 18.96 -12.11
N GLN B 214 0.85 19.91 -11.90
CA GLN B 214 0.58 20.49 -10.59
C GLN B 214 -0.58 19.82 -9.84
N CYS B 215 -1.18 18.73 -10.35
CA CYS B 215 -2.26 18.04 -9.61
C CYS B 215 -1.84 17.67 -8.21
N GLY B 216 -2.75 17.88 -7.28
CA GLY B 216 -2.50 17.50 -5.88
C GLY B 216 -1.69 18.47 -5.07
N LYS B 217 -1.25 19.59 -5.62
CA LYS B 217 -0.49 20.57 -4.86
C LYS B 217 -1.39 21.59 -4.15
N GLN B 218 -2.69 21.47 -4.37
CA GLN B 218 -3.68 22.29 -3.73
C GLN B 218 -4.96 21.48 -3.67
N PRO B 219 -5.97 21.95 -2.90
CA PRO B 219 -7.26 21.28 -2.89
C PRO B 219 -7.95 21.31 -4.25
N GLY B 220 -8.83 20.35 -4.46
CA GLY B 220 -9.51 20.20 -5.74
C GLY B 220 -10.83 19.49 -5.57
N TYR B 221 -11.59 19.48 -6.65
CA TYR B 221 -12.91 18.91 -6.69
C TYR B 221 -12.94 17.47 -7.17
N ILE B 222 -13.95 16.76 -6.66
CA ILE B 222 -14.35 15.45 -7.12
C ILE B 222 -15.55 15.63 -8.03
N GLY B 223 -15.55 14.92 -9.14
CA GLY B 223 -16.70 14.92 -10.02
C GLY B 223 -16.72 13.79 -11.01
N GLN B 225 -17.80 12.48 -15.14
CA GLN B 225 -17.68 12.89 -16.55
C GLN B 225 -19.01 13.16 -17.24
N ASP B 226 -19.02 14.26 -17.99
CA ASP B 226 -20.10 14.65 -18.90
C ASP B 226 -20.29 13.57 -19.96
N HIS B 227 -21.51 13.45 -20.50
CA HIS B 227 -21.83 12.47 -21.55
C HIS B 227 -21.52 11.00 -21.19
N GLY B 228 -21.61 10.65 -19.91
CA GLY B 228 -21.36 9.29 -19.45
C GLY B 228 -22.63 8.46 -19.48
N TYR B 229 -23.10 8.16 -20.69
CA TYR B 229 -24.37 7.51 -20.90
C TYR B 229 -24.30 6.10 -20.37
N GLY B 230 -25.36 5.68 -19.70
CA GLY B 230 -25.44 4.34 -19.16
C GLY B 230 -24.62 4.07 -17.92
N VAL B 231 -24.09 5.10 -17.27
CA VAL B 231 -23.30 4.93 -16.05
C VAL B 231 -24.05 5.51 -14.85
N CYS B 232 -24.22 4.71 -13.78
CA CYS B 232 -25.00 5.08 -12.59
C CYS B 232 -24.08 5.07 -11.40
N PHE B 233 -24.30 6.00 -10.46
CA PHE B 233 -23.47 6.14 -9.25
C PHE B 233 -24.31 6.15 -7.98
N ARG B 234 -23.86 5.44 -6.94
CA ARG B 234 -24.55 5.45 -5.64
C ARG B 234 -23.54 5.21 -4.53
N ASN B 235 -24.01 5.30 -3.29
CA ASN B 235 -23.23 5.04 -2.07
C ASN B 235 -21.93 5.85 -2.11
N ILE B 236 -22.13 7.17 -2.17
CA ILE B 236 -21.06 8.12 -2.38
C ILE B 236 -20.75 8.80 -1.05
N ARG B 237 -19.51 8.64 -0.58
CA ARG B 237 -19.13 9.22 0.69
C ARG B 237 -17.63 9.49 0.72
N ILE B 238 -17.23 10.30 1.69
CA ILE B 238 -15.84 10.74 1.79
C ILE B 238 -15.48 10.97 3.25
N LYS B 239 -14.24 10.67 3.60
CA LYS B 239 -13.65 10.88 4.91
C LYS B 239 -12.42 11.75 4.69
N GLU B 240 -12.37 12.92 5.29
CA GLU B 240 -11.20 13.80 5.18
C GLU B 240 -10.13 13.28 6.12
N LEU B 241 -8.89 13.33 5.64
CA LEU B 241 -7.73 12.82 6.37
C LEU B 241 -6.87 14.00 6.83
N ALA C 11 15.25 0.41 13.26
CA ALA C 11 15.37 1.89 13.07
C ALA C 11 15.42 2.21 11.59
N LEU C 12 14.51 3.07 11.12
CA LEU C 12 14.44 3.45 9.72
C LEU C 12 14.88 4.90 9.54
N ASP C 13 15.47 5.20 8.38
CA ASP C 13 15.71 6.59 7.97
C ASP C 13 14.40 7.21 7.44
N SER C 14 14.45 8.47 6.98
CA SER C 14 13.23 9.16 6.56
CA SER C 14 13.25 9.18 6.52
C SER C 14 12.57 8.59 5.30
N ASP C 15 13.32 7.84 4.50
CA ASP C 15 12.75 7.12 3.39
C ASP C 15 12.31 5.72 3.81
N GLY C 16 12.23 5.41 5.10
CA GLY C 16 11.74 4.10 5.59
C GLY C 16 12.70 2.95 5.33
N ILE C 17 13.99 3.27 5.21
CA ILE C 17 15.03 2.28 4.88
C ILE C 17 15.75 1.95 6.16
N PRO C 18 15.96 0.66 6.46
CA PRO C 18 16.67 0.29 7.71
C PRO C 18 18.07 0.91 7.79
N THR C 19 18.48 1.35 8.98
CA THR C 19 19.76 2.08 9.17
C THR C 19 20.91 1.25 9.74
N GLY C 20 20.64 0.03 10.22
CA GLY C 20 21.70 -0.87 10.71
C GLY C 20 22.50 -1.47 9.56
N GLY C 21 23.00 -2.69 9.75
CA GLY C 21 23.72 -3.40 8.69
C GLY C 21 25.19 -3.03 8.62
N GLU C 22 25.97 -3.90 7.99
CA GLU C 22 27.43 -3.73 7.87
C GLU C 22 27.73 -3.42 6.42
N TRP C 23 28.59 -2.42 6.19
CA TRP C 23 29.06 -2.11 4.84
C TRP C 23 30.07 -3.16 4.41
N ILE C 24 29.91 -3.65 3.20
CA ILE C 24 30.86 -4.53 2.55
C ILE C 24 31.52 -3.76 1.42
N THR C 25 32.85 -3.74 1.44
CA THR C 25 33.63 -3.08 0.40
C THR C 25 33.65 -3.95 -0.84
N PHE C 27 35.29 -3.03 -3.71
CA PHE C 27 36.48 -2.71 -4.48
C PHE C 27 37.59 -2.35 -3.51
N ASP C 28 38.71 -3.07 -3.60
CA ASP C 28 39.87 -2.87 -2.72
C ASP C 28 40.74 -1.64 -3.00
N GLY C 29 40.48 -0.93 -4.10
CA GLY C 29 41.31 0.20 -4.53
C GLY C 29 42.52 -0.16 -5.39
N LYS C 30 42.78 -1.45 -5.59
CA LYS C 30 44.01 -1.92 -6.28
C LYS C 30 43.79 -2.88 -7.45
N THR C 31 42.74 -3.70 -7.39
CA THR C 31 42.50 -4.79 -8.35
C THR C 31 41.02 -4.89 -8.67
N LEU C 32 40.70 -5.68 -9.68
CA LEU C 32 39.31 -6.04 -10.01
C LEU C 32 38.86 -7.39 -9.42
N ASN C 33 39.51 -7.84 -8.33
CA ASN C 33 39.07 -9.04 -7.63
C ASN C 33 37.65 -8.84 -7.11
N GLY C 34 36.82 -9.86 -7.28
CA GLY C 34 35.40 -9.78 -6.94
C GLY C 34 34.50 -9.38 -8.09
N TRP C 35 35.10 -8.89 -9.18
CA TRP C 35 34.39 -8.51 -10.39
C TRP C 35 34.73 -9.48 -11.49
N ARG C 36 33.81 -9.58 -12.46
CA ARG C 36 34.05 -10.32 -13.69
C ARG C 36 33.15 -9.78 -14.79
N GLY C 37 33.36 -10.28 -16.00
CA GLY C 37 32.54 -9.90 -17.14
C GLY C 37 31.14 -10.47 -17.05
N TYR C 38 30.17 -9.70 -17.55
CA TYR C 38 28.81 -10.19 -17.73
C TYR C 38 28.78 -11.45 -18.63
N CYS C 39 28.24 -12.57 -18.10
CA CYS C 39 28.23 -13.90 -18.78
C CYS C 39 29.61 -14.46 -19.14
N ARG C 40 30.63 -14.11 -18.35
CA ARG C 40 32.01 -14.60 -18.57
C ARG C 40 32.65 -14.82 -17.23
N GLN C 41 33.73 -15.58 -17.18
CA GLN C 41 34.44 -15.79 -15.92
C GLN C 41 35.65 -14.87 -15.75
N ASP C 42 36.13 -14.29 -16.83
CA ASP C 42 37.26 -13.37 -16.82
C ASP C 42 36.78 -11.91 -16.79
N VAL C 43 37.72 -11.01 -16.47
CA VAL C 43 37.49 -9.57 -16.55
C VAL C 43 37.73 -9.17 -18.01
N PRO C 44 36.74 -8.56 -18.69
CA PRO C 44 36.93 -8.21 -20.11
C PRO C 44 38.05 -7.19 -20.35
N LEU C 45 38.72 -7.31 -21.50
CA LEU C 45 39.78 -6.40 -21.90
C LEU C 45 39.22 -4.98 -21.94
N GLY C 46 39.95 -4.05 -21.34
CA GLY C 46 39.51 -2.66 -21.20
C GLY C 46 39.43 -2.19 -19.76
N TRP C 47 38.95 -3.05 -18.86
CA TRP C 47 38.82 -2.69 -17.45
C TRP C 47 40.15 -2.74 -16.74
N VAL C 48 40.46 -1.67 -16.00
CA VAL C 48 41.70 -1.51 -15.26
C VAL C 48 41.41 -0.80 -13.95
N VAL C 49 42.32 -0.95 -12.99
CA VAL C 49 42.39 -0.09 -11.81
C VAL C 49 43.54 0.89 -12.03
N GLU C 50 43.29 2.18 -11.87
CA GLU C 50 44.30 3.24 -12.06
C GLU C 50 44.11 4.28 -10.98
N ASP C 51 45.15 4.54 -10.19
CA ASP C 51 45.11 5.56 -9.11
C ASP C 51 43.94 5.38 -8.13
N GLY C 52 43.66 4.14 -7.76
CA GLY C 52 42.62 3.85 -6.80
C GLY C 52 41.19 3.84 -7.34
N SER C 53 41.02 3.80 -8.67
CA SER C 53 39.70 3.83 -9.32
C SER C 53 39.57 2.77 -10.41
N ILE C 54 38.38 2.21 -10.58
CA ILE C 54 38.04 1.35 -11.73
C ILE C 54 37.69 2.20 -12.95
N THR C 55 38.23 1.85 -14.12
CA THR C 55 37.86 2.52 -15.38
C THR C 55 37.96 1.59 -16.58
N TYR C 56 37.16 1.87 -17.61
CA TYR C 56 37.22 1.17 -18.90
C TYR C 56 38.03 2.01 -19.90
N LYS C 57 39.11 1.44 -20.41
CA LYS C 57 39.99 2.06 -21.44
C LYS C 57 39.69 1.61 -22.88
N GLY C 58 39.20 0.37 -23.03
CA GLY C 58 38.97 -0.21 -24.35
C GLY C 58 40.24 -0.61 -25.05
N PHE C 67 30.02 -9.97 -24.70
CA PHE C 67 29.66 -8.78 -23.93
C PHE C 67 30.81 -8.36 -23.03
N GLY C 68 30.94 -7.05 -22.80
CA GLY C 68 32.05 -6.49 -22.03
C GLY C 68 31.73 -5.72 -20.77
N ASP C 69 30.49 -5.82 -20.27
CA ASP C 69 30.10 -5.11 -19.05
C ASP C 69 30.74 -5.82 -17.84
N LEU C 70 31.03 -5.07 -16.79
CA LEU C 70 31.67 -5.62 -15.59
C LEU C 70 30.63 -5.70 -14.49
N ILE C 71 30.45 -6.87 -13.91
CA ILE C 71 29.55 -7.09 -12.80
C ILE C 71 30.33 -7.53 -11.57
N TYR C 72 29.80 -7.18 -10.39
CA TYR C 72 30.32 -7.70 -9.14
C TYR C 72 29.72 -9.09 -8.93
N ASP C 73 30.54 -10.04 -8.53
CA ASP C 73 30.18 -11.47 -8.60
C ASP C 73 29.36 -11.97 -7.40
N LYS C 74 28.24 -11.33 -7.13
CA LYS C 74 27.33 -11.68 -6.06
C LYS C 74 26.01 -11.06 -6.41
N LYS C 75 24.94 -11.81 -6.25
CA LYS C 75 23.60 -11.29 -6.45
C LYS C 75 23.11 -10.63 -5.16
N PHE C 76 22.32 -9.57 -5.32
CA PHE C 76 21.76 -8.81 -4.21
C PHE C 76 20.28 -8.65 -4.48
N LYS C 77 19.51 -8.40 -3.43
CA LYS C 77 18.08 -8.12 -3.61
C LYS C 77 17.65 -6.86 -2.87
N ASN C 78 17.80 -6.87 -1.55
CA ASN C 78 17.54 -5.70 -0.75
C ASN C 78 18.86 -5.14 -0.27
N PHE C 79 19.14 -3.88 -0.58
CA PHE C 79 20.46 -3.34 -0.32
C PHE C 79 20.51 -1.84 -0.39
N VAL C 80 21.57 -1.27 0.17
CA VAL C 80 21.99 0.12 -0.04
C VAL C 80 23.35 0.05 -0.70
N PHE C 81 23.44 0.57 -1.93
CA PHE C 81 24.65 0.52 -2.75
C PHE C 81 25.17 1.93 -2.91
N GLU C 82 26.47 2.13 -2.67
CA GLU C 82 27.10 3.43 -2.89
C GLU C 82 28.33 3.31 -3.76
N ILE C 83 28.52 4.31 -4.61
CA ILE C 83 29.63 4.35 -5.54
C ILE C 83 29.91 5.80 -5.85
N GLU C 84 31.19 6.14 -5.99
CA GLU C 84 31.61 7.45 -6.45
C GLU C 84 32.08 7.34 -7.88
N TRP C 85 31.78 8.35 -8.68
CA TRP C 85 32.12 8.33 -10.08
C TRP C 85 32.48 9.73 -10.58
N LYS C 86 33.33 9.76 -11.59
CA LYS C 86 33.79 10.99 -12.22
C LYS C 86 33.76 10.76 -13.70
N ILE C 87 33.24 11.72 -14.45
CA ILE C 87 33.08 11.60 -15.88
C ILE C 87 33.90 12.70 -16.55
N ASP C 88 34.51 12.35 -17.68
CA ASP C 88 35.25 13.30 -18.51
CA ASP C 88 35.24 13.30 -18.52
C ASP C 88 34.24 14.08 -19.35
N LYS C 89 34.70 15.11 -20.06
CA LYS C 89 33.82 15.86 -20.97
C LYS C 89 33.13 14.93 -21.97
N ALA C 90 31.82 15.10 -22.12
CA ALA C 90 30.98 14.25 -22.96
C ALA C 90 31.12 12.76 -22.63
N GLY C 91 31.38 12.40 -21.38
CA GLY C 91 31.48 10.98 -21.04
C GLY C 91 30.10 10.38 -20.90
N ASN C 92 30.07 9.05 -20.93
CA ASN C 92 28.84 8.30 -20.76
CA ASN C 92 28.83 8.31 -20.70
C ASN C 92 29.15 6.96 -20.11
N SER C 93 28.31 6.51 -19.19
CA SER C 93 28.38 5.18 -18.63
C SER C 93 27.02 4.87 -18.01
N GLY C 94 26.97 3.89 -17.13
CA GLY C 94 25.74 3.52 -16.49
C GLY C 94 25.99 2.44 -15.49
N ILE C 95 25.08 2.37 -14.52
CA ILE C 95 25.10 1.40 -13.45
C ILE C 95 23.82 0.57 -13.52
N PHE C 96 23.98 -0.75 -13.59
CA PHE C 96 22.87 -1.70 -13.54
C PHE C 96 22.84 -2.27 -12.15
N TYR C 97 21.66 -2.59 -11.66
CA TYR C 97 21.55 -3.10 -10.28
C TYR C 97 20.54 -4.21 -9.99
N THR C 98 19.87 -4.72 -11.02
CA THR C 98 19.03 -5.94 -10.88
C THR C 98 19.31 -6.96 -12.00
N ALA C 99 20.49 -6.89 -12.62
CA ALA C 99 20.71 -7.63 -13.86
C ALA C 99 20.70 -9.15 -13.65
N GLN C 100 20.13 -9.85 -14.64
CA GLN C 100 20.20 -11.29 -14.71
C GLN C 100 21.24 -11.63 -15.77
N GLU C 101 22.04 -12.65 -15.52
CA GLU C 101 22.92 -13.19 -16.54
C GLU C 101 22.18 -14.13 -17.44
N ILE C 102 21.85 -13.61 -18.62
CA ILE C 102 21.18 -14.36 -19.64
C ILE C 102 22.13 -14.34 -20.85
N GLU C 103 22.71 -15.49 -21.15
CA GLU C 103 23.71 -15.62 -22.22
CA GLU C 103 23.69 -15.64 -22.23
C GLU C 103 23.11 -15.11 -23.53
N GLY C 104 23.86 -14.28 -24.25
CA GLY C 104 23.40 -13.71 -25.52
C GLY C 104 22.37 -12.57 -25.44
N THR C 105 22.03 -12.13 -24.23
CA THR C 105 21.07 -11.06 -24.00
C THR C 105 21.81 -9.94 -23.28
N PRO C 106 21.69 -8.70 -23.78
CA PRO C 106 22.42 -7.63 -23.09
C PRO C 106 22.04 -7.44 -21.64
N ILE C 107 23.01 -6.96 -20.85
CA ILE C 107 22.78 -6.67 -19.42
C ILE C 107 21.61 -5.69 -19.23
N TYR C 108 21.49 -4.74 -20.15
CA TYR C 108 20.49 -3.69 -20.02
C TYR C 108 19.04 -4.13 -20.35
N TYR C 109 18.84 -5.38 -20.74
CA TYR C 109 17.50 -5.94 -20.90
C TYR C 109 16.84 -6.34 -19.57
N SER C 110 17.62 -6.51 -18.51
CA SER C 110 17.11 -7.08 -17.28
C SER C 110 17.33 -6.20 -16.05
N SER C 111 17.64 -4.93 -16.26
CA SER C 111 17.81 -4.04 -15.14
C SER C 111 17.56 -2.63 -15.61
N PRO C 112 16.94 -1.79 -14.72
CA PRO C 112 17.06 -0.37 -14.96
C PRO C 112 18.51 0.03 -14.97
N GLU C 113 18.81 1.10 -15.68
CA GLU C 113 20.13 1.66 -15.73
C GLU C 113 20.08 3.02 -15.02
N TYR C 114 20.94 3.20 -14.02
CA TYR C 114 21.21 4.51 -13.47
C TYR C 114 22.18 5.17 -14.42
N GLN C 115 21.70 6.16 -15.17
CA GLN C 115 22.45 6.78 -16.25
C GLN C 115 23.59 7.64 -15.72
N LEU C 116 24.75 7.58 -16.38
CA LEU C 116 25.87 8.45 -16.09
C LEU C 116 26.19 9.19 -17.37
N LEU C 117 26.14 10.51 -17.36
CA LEU C 117 26.30 11.32 -18.57
C LEU C 117 26.87 12.68 -18.18
N ASP C 118 27.67 13.27 -19.06
CA ASP C 118 27.93 14.71 -19.03
C ASP C 118 26.69 15.36 -19.65
N ASN C 119 25.80 15.90 -18.82
CA ASN C 119 24.55 16.52 -19.30
C ASN C 119 24.74 17.71 -20.21
N GLU C 120 25.87 18.39 -20.08
CA GLU C 120 26.15 19.61 -20.83
C GLU C 120 26.69 19.37 -22.24
N ASN C 121 27.30 18.22 -22.51
CA ASN C 121 28.01 17.97 -23.79
C ASN C 121 27.72 16.64 -24.56
N PRO C 123 25.20 14.47 -26.51
CA PRO C 123 23.85 14.76 -27.03
C PRO C 123 22.73 13.78 -26.61
N ASP C 124 23.08 12.61 -26.07
CA ASP C 124 22.08 11.74 -25.44
C ASP C 124 21.38 12.42 -24.25
N ALA C 125 22.03 13.41 -23.61
CA ALA C 125 21.36 14.35 -22.66
C ALA C 125 20.08 14.93 -23.20
N TRP C 126 20.15 15.44 -24.42
CA TRP C 126 18.99 16.01 -25.13
C TRP C 126 18.10 15.00 -25.88
N GLU C 127 18.57 13.76 -26.07
CA GLU C 127 17.87 12.74 -26.88
C GLU C 127 16.83 11.93 -26.10
N GLY C 128 16.76 12.12 -24.80
CA GLY C 128 15.69 11.54 -24.05
C GLY C 128 14.40 12.29 -24.32
N CYS C 129 13.39 11.86 -23.60
CA CYS C 129 12.20 12.65 -23.40
C CYS C 129 12.34 13.33 -22.03
N ASP C 130 12.50 14.67 -22.04
CA ASP C 130 12.36 15.50 -20.85
C ASP C 130 13.33 15.10 -19.73
N GLY C 131 14.57 14.75 -20.09
CA GLY C 131 15.59 14.48 -19.10
C GLY C 131 15.75 13.04 -18.70
N ASN C 132 14.98 12.12 -19.30
CA ASN C 132 15.07 10.74 -18.93
C ASN C 132 16.30 9.96 -19.40
N ARG C 133 17.23 10.64 -20.06
CA ARG C 133 18.55 10.10 -20.33
C ARG C 133 19.67 10.94 -19.73
N GLN C 134 19.36 11.78 -18.75
CA GLN C 134 20.37 12.60 -18.08
CA GLN C 134 20.39 12.58 -18.12
C GLN C 134 20.93 11.84 -16.90
N ALA C 135 22.05 12.34 -16.36
CA ALA C 135 22.72 11.67 -15.25
C ALA C 135 21.76 11.42 -14.10
N GLY C 136 21.70 10.18 -13.60
CA GLY C 136 20.82 9.78 -12.51
C GLY C 136 19.44 9.29 -12.90
N ALA C 137 19.08 9.42 -14.17
CA ALA C 137 17.84 8.90 -14.67
C ALA C 137 17.82 7.40 -14.53
N VAL C 138 16.60 6.84 -14.53
CA VAL C 138 16.41 5.46 -14.95
C VAL C 138 16.34 5.59 -16.47
N TYR C 139 17.38 5.12 -17.15
CA TYR C 139 17.58 5.42 -18.55
C TYR C 139 16.33 5.10 -19.38
N ASP C 140 15.87 6.14 -20.07
CA ASP C 140 14.72 6.12 -20.96
C ASP C 140 13.38 5.91 -20.28
N ILE C 142 12.66 7.44 -16.43
CA ILE C 142 12.38 8.45 -15.38
C ILE C 142 13.52 9.42 -15.29
N PRO C 144 15.64 12.49 -13.45
CA PRO C 144 15.86 12.92 -12.08
C PRO C 144 15.26 14.28 -11.82
N ASP C 145 14.75 14.47 -10.61
CA ASP C 145 14.30 15.77 -10.16
C ASP C 145 14.38 15.75 -8.63
N PRO C 146 15.30 16.53 -8.05
CA PRO C 146 16.23 17.49 -8.64
C PRO C 146 17.36 16.84 -9.42
N GLN C 147 18.21 17.70 -9.97
CA GLN C 147 19.38 17.28 -10.75
C GLN C 147 20.62 17.87 -10.08
N PRO C 148 21.18 17.15 -9.09
CA PRO C 148 22.35 17.59 -8.34
C PRO C 148 23.70 17.16 -8.91
N VAL C 149 23.75 16.69 -10.15
CA VAL C 149 25.04 16.27 -10.71
C VAL C 149 26.02 17.44 -10.78
N LYS C 150 27.30 17.18 -10.48
CA LYS C 150 28.33 18.19 -10.58
C LYS C 150 28.75 18.28 -12.04
N PRO C 151 29.41 19.38 -12.42
CA PRO C 151 29.97 19.43 -13.77
C PRO C 151 30.98 18.30 -14.00
N TYR C 152 31.19 17.93 -15.26
CA TYR C 152 32.16 16.87 -15.60
C TYR C 152 33.54 17.18 -15.01
N GLY C 153 34.28 16.11 -14.74
CA GLY C 153 35.56 16.20 -14.07
C GLY C 153 35.54 16.38 -12.57
N ASN C 154 34.37 16.22 -11.95
CA ASN C 154 34.23 16.23 -10.49
C ASN C 154 33.70 14.88 -10.03
N TRP C 155 34.05 14.50 -8.80
CA TRP C 155 33.57 13.25 -8.21
C TRP C 155 32.14 13.42 -7.70
N ASN C 156 31.25 12.59 -8.21
CA ASN C 156 29.85 12.52 -7.76
C ASN C 156 29.67 11.31 -6.87
N LYS C 157 28.74 11.38 -5.92
CA LYS C 157 28.39 10.27 -5.03
C LYS C 157 27.01 9.78 -5.41
N THR C 158 26.88 8.49 -5.69
CA THR C 158 25.62 7.87 -6.03
C THR C 158 25.25 6.87 -4.96
N ARG C 159 23.97 6.83 -4.62
CA ARG C 159 23.43 5.79 -3.77
C ARG C 159 22.19 5.25 -4.45
N ILE C 160 22.07 3.93 -4.45
CA ILE C 160 20.91 3.24 -4.97
C ILE C 160 20.40 2.33 -3.90
N VAL C 161 19.13 2.49 -3.53
CA VAL C 161 18.52 1.63 -2.51
C VAL C 161 17.46 0.79 -3.19
N VAL C 162 17.46 -0.52 -2.92
CA VAL C 162 16.33 -1.38 -3.27
C VAL C 162 15.89 -2.06 -1.97
N TYR C 163 14.61 -1.87 -1.60
CA TYR C 163 14.11 -2.42 -0.36
C TYR C 163 12.66 -2.84 -0.56
N ASN C 164 12.40 -4.14 -0.54
CA ASN C 164 11.05 -4.70 -0.73
C ASN C 164 10.39 -4.12 -1.97
N GLN C 165 11.16 -4.17 -3.05
CA GLN C 165 10.78 -3.71 -4.39
C GLN C 165 10.74 -2.21 -4.60
N ARG C 166 10.94 -1.41 -3.54
CA ARG C 166 11.03 0.02 -3.66
CA ARG C 166 11.02 0.03 -3.67
C ARG C 166 12.44 0.39 -4.07
N VAL C 167 12.57 1.31 -5.01
CA VAL C 167 13.85 1.76 -5.49
C VAL C 167 13.97 3.24 -5.29
N ILE C 168 15.11 3.67 -4.78
CA ILE C 168 15.42 5.10 -4.63
C ILE C 168 16.80 5.37 -5.24
N HIS C 169 16.88 6.40 -6.10
CA HIS C 169 18.15 6.93 -6.59
C HIS C 169 18.50 8.17 -5.79
N TYR C 170 19.77 8.30 -5.40
CA TYR C 170 20.32 9.52 -4.84
C TYR C 170 21.51 9.92 -5.68
N ASN C 172 24.71 12.83 -5.01
CA ASN C 172 25.30 13.80 -4.11
C ASN C 172 24.43 14.08 -2.89
N ASP C 173 23.99 12.96 -2.29
CA ASP C 173 23.25 12.89 -1.03
C ASP C 173 21.84 13.44 -1.08
N VAL C 174 21.27 13.61 -2.27
CA VAL C 174 19.93 14.13 -2.45
C VAL C 174 19.13 13.10 -3.25
N LYS C 175 17.93 12.79 -2.82
CA LYS C 175 17.05 11.89 -3.52
C LYS C 175 16.63 12.53 -4.83
N ILE C 176 16.73 11.76 -5.91
CA ILE C 176 16.36 12.27 -7.25
C ILE C 176 15.19 11.60 -7.94
N LEU C 177 14.86 10.38 -7.51
CA LEU C 177 13.65 9.70 -7.97
C LEU C 177 13.43 8.47 -7.11
N GLU C 178 12.19 7.96 -7.16
CA GLU C 178 11.78 6.80 -6.41
C GLU C 178 10.66 6.10 -7.17
N PHE C 179 10.66 4.78 -7.15
CA PHE C 179 9.62 4.01 -7.82
C PHE C 179 9.58 2.64 -7.18
N GLN C 180 8.66 1.81 -7.64
CA GLN C 180 8.46 0.48 -7.07
CA GLN C 180 8.53 0.47 -7.09
C GLN C 180 8.39 -0.52 -8.21
N PHE C 181 9.25 -1.54 -8.18
CA PHE C 181 9.13 -2.66 -9.13
C PHE C 181 7.82 -3.41 -8.93
N GLY C 182 7.42 -4.17 -9.95
CA GLY C 182 6.32 -5.06 -9.82
C GLY C 182 4.95 -4.40 -9.69
N THR C 183 4.85 -3.15 -10.14
CA THR C 183 3.63 -2.35 -10.04
C THR C 183 3.17 -1.93 -11.42
N PRO C 184 1.89 -1.58 -11.55
CA PRO C 184 1.46 -1.04 -12.86
C PRO C 184 2.15 0.23 -13.25
N VAL C 185 2.59 1.06 -12.29
CA VAL C 185 3.38 2.24 -12.63
C VAL C 185 4.69 1.81 -13.30
N TRP C 186 5.36 0.80 -12.76
CA TRP C 186 6.57 0.28 -13.41
C TRP C 186 6.26 -0.21 -14.84
N ARG C 187 5.17 -0.94 -14.99
CA ARG C 187 4.78 -1.44 -16.33
C ARG C 187 4.51 -0.28 -17.29
N ALA C 188 3.81 0.74 -16.81
CA ALA C 188 3.52 1.92 -17.64
C ALA C 188 4.82 2.59 -18.11
N LEU C 189 5.77 2.73 -17.21
CA LEU C 189 7.07 3.33 -17.51
C LEU C 189 7.84 2.50 -18.55
N VAL C 190 7.82 1.19 -18.38
CA VAL C 190 8.47 0.28 -19.35
C VAL C 190 7.78 0.37 -20.69
N ASP C 191 6.45 0.44 -20.66
CA ASP C 191 5.66 0.53 -21.89
C ASP C 191 6.00 1.70 -22.81
N HIS C 192 6.38 2.84 -22.22
CA HIS C 192 6.74 4.04 -22.99
C HIS C 192 8.22 4.17 -23.30
N SER C 193 9.01 3.20 -22.85
CA SER C 193 10.44 3.18 -23.04
C SER C 193 10.78 2.40 -24.30
N LYS C 194 12.07 2.42 -24.63
CA LYS C 194 12.62 1.60 -25.69
C LYS C 194 12.55 0.09 -25.43
N PHE C 195 12.34 -0.31 -24.19
CA PHE C 195 12.31 -1.73 -23.81
C PHE C 195 10.93 -2.36 -24.09
N SER C 196 10.03 -1.59 -24.66
CA SER C 196 8.67 -1.97 -24.88
C SER C 196 8.43 -2.70 -26.20
N LYS C 197 7.54 -3.68 -26.15
CA LYS C 197 6.91 -4.21 -27.34
C LYS C 197 6.05 -3.18 -28.12
N PHE C 198 5.75 -2.02 -27.52
CA PHE C 198 5.00 -0.94 -28.15
C PHE C 198 5.88 0.17 -28.77
N SER C 199 7.19 0.14 -28.53
CA SER C 199 8.08 1.24 -28.92
C SER C 199 8.21 1.37 -30.43
N THR C 200 8.21 2.61 -30.91
CA THR C 200 8.57 2.95 -32.29
C THR C 200 9.90 3.73 -32.38
N SER C 201 10.71 3.67 -31.32
CA SER C 201 12.03 4.29 -31.34
C SER C 201 12.96 3.46 -32.21
N PRO C 202 13.88 4.12 -32.95
CA PRO C 202 14.91 3.36 -33.65
C PRO C 202 15.83 2.55 -32.71
N GLU C 203 15.96 2.97 -31.46
CA GLU C 203 16.74 2.28 -30.44
CA GLU C 203 16.77 2.22 -30.49
C GLU C 203 15.95 1.19 -29.71
N LYS C 204 14.75 0.86 -30.20
CA LYS C 204 13.89 -0.12 -29.53
C LYS C 204 14.59 -1.47 -29.31
N CYS C 205 14.29 -2.07 -28.16
CA CYS C 205 14.75 -3.38 -27.75
CA CYS C 205 14.73 -3.44 -27.85
C CYS C 205 13.53 -4.20 -27.30
N PRO C 206 12.56 -4.50 -28.20
CA PRO C 206 11.32 -5.18 -27.81
C PRO C 206 11.47 -6.53 -27.09
N GLU C 207 12.55 -7.25 -27.36
CA GLU C 207 12.85 -8.53 -26.68
CA GLU C 207 12.77 -8.53 -26.66
C GLU C 207 13.20 -8.35 -25.21
N ALA C 208 13.46 -7.11 -24.77
CA ALA C 208 13.68 -6.83 -23.34
C ALA C 208 12.39 -6.77 -22.51
N TYR C 209 11.23 -6.70 -23.15
CA TYR C 209 10.01 -6.30 -22.47
C TYR C 209 9.65 -7.15 -21.26
N ASP C 210 9.50 -8.46 -21.49
CA ASP C 210 9.10 -9.39 -20.44
C ASP C 210 10.15 -9.46 -19.35
N LEU C 211 11.44 -9.42 -19.72
CA LEU C 211 12.49 -9.34 -18.70
C LEU C 211 12.39 -8.08 -17.87
N LEU C 213 9.80 -6.23 -17.22
CA LEU C 213 8.63 -6.27 -16.32
C LEU C 213 8.91 -7.06 -15.05
N GLN C 214 9.85 -8.00 -15.08
CA GLN C 214 10.18 -8.83 -13.91
C GLN C 214 11.35 -8.35 -13.07
N CYS C 215 11.91 -7.16 -13.35
CA CYS C 215 13.01 -6.63 -12.55
C CYS C 215 12.62 -6.62 -11.09
N GLY C 216 13.57 -6.97 -10.24
CA GLY C 216 13.37 -6.90 -8.81
C GLY C 216 12.60 -8.02 -8.16
N LYS C 217 12.13 -9.00 -8.92
CA LYS C 217 11.38 -10.11 -8.37
C LYS C 217 12.27 -11.29 -7.92
N GLN C 218 13.57 -11.17 -8.18
CA GLN C 218 14.57 -12.13 -7.76
C GLN C 218 15.86 -11.34 -7.52
N PRO C 219 16.85 -11.96 -6.87
CA PRO C 219 18.13 -11.27 -6.76
C PRO C 219 18.79 -11.01 -8.12
N GLY C 220 19.67 -10.03 -8.18
CA GLY C 220 20.31 -9.61 -9.42
C GLY C 220 21.65 -9.00 -9.17
N TYR C 221 22.36 -8.74 -10.27
CA TYR C 221 23.71 -8.24 -10.23
C TYR C 221 23.78 -6.73 -10.38
N ILE C 222 24.81 -6.16 -9.76
CA ILE C 222 25.24 -4.77 -9.93
C ILE C 222 26.44 -4.78 -10.88
N GLY C 223 26.47 -3.83 -11.81
CA GLY C 223 27.56 -3.76 -12.74
C GLY C 223 27.58 -2.45 -13.48
N GLN C 225 28.60 -0.31 -17.25
CA GLN C 225 28.43 -0.38 -18.68
C GLN C 225 29.78 -0.53 -19.40
N ASP C 226 29.78 -1.40 -20.40
CA ASP C 226 30.83 -1.56 -21.40
C ASP C 226 30.95 -0.27 -22.24
N HIS C 227 32.14 0.00 -22.78
CA HIS C 227 32.38 1.21 -23.61
C HIS C 227 32.09 2.55 -22.89
N GLY C 228 32.25 2.58 -21.57
CA GLY C 228 32.04 3.78 -20.77
C GLY C 228 33.32 4.58 -20.73
N TYR C 229 33.71 5.11 -21.89
CA TYR C 229 34.96 5.82 -22.02
C TYR C 229 34.93 7.08 -21.16
N GLY C 230 36.04 7.30 -20.44
CA GLY C 230 36.23 8.47 -19.61
C GLY C 230 35.44 8.53 -18.32
N VAL C 231 35.07 7.36 -17.77
CA VAL C 231 34.38 7.30 -16.49
C VAL C 231 35.18 6.48 -15.49
N CYS C 232 35.39 7.04 -14.29
CA CYS C 232 36.18 6.41 -13.23
C CYS C 232 35.27 6.15 -12.03
N PHE C 233 35.45 5.00 -11.36
CA PHE C 233 34.66 4.59 -10.21
C PHE C 233 35.52 4.28 -8.99
N ARG C 234 35.09 4.72 -7.81
CA ARG C 234 35.78 4.37 -6.55
C ARG C 234 34.80 4.34 -5.38
N ASN C 235 35.30 3.95 -4.21
CA ASN C 235 34.54 3.95 -2.96
C ASN C 235 33.22 3.22 -3.13
N ILE C 236 33.37 1.96 -3.54
CA ILE C 236 32.25 1.13 -3.96
C ILE C 236 31.94 0.19 -2.81
N ARG C 237 30.75 0.31 -2.24
CA ARG C 237 30.36 -0.50 -1.10
C ARG C 237 28.86 -0.77 -1.11
N ILE C 238 28.48 -1.78 -0.33
CA ILE C 238 27.09 -2.17 -0.25
C ILE C 238 26.74 -2.70 1.13
N LYS C 239 25.49 -2.47 1.53
CA LYS C 239 24.97 -2.84 2.83
C LYS C 239 23.72 -3.64 2.52
N GLU C 240 23.74 -4.93 2.80
CA GLU C 240 22.55 -5.75 2.56
C GLU C 240 21.48 -5.45 3.61
N LEU C 241 20.22 -5.44 3.17
CA LEU C 241 19.08 -5.08 4.01
C LEU C 241 18.20 -6.29 4.22
#